data_3CVO
#
_entry.id   3CVO
#
_cell.length_a   173.391
_cell.length_b   61.653
_cell.length_c   96.323
_cell.angle_alpha   90.000
_cell.angle_beta   97.450
_cell.angle_gamma   90.000
#
_symmetry.space_group_name_H-M   'C 1 2 1'
#
loop_
_entity.id
_entity.type
_entity.pdbx_description
1 polymer 'Methyltransferase-like protein of unknown function'
2 non-polymer 'SULFATE ION'
3 non-polymer 1,2-ETHANEDIOL
4 non-polymer GLYCEROL
5 non-polymer 'TETRAETHYLENE GLYCOL'
6 water water
#
_entity_poly.entity_id   1
_entity_poly.type   'polypeptide(L)'
_entity_poly.pdbx_seq_one_letter_code
;G(MSE)DDQSGDQ(MSE)RPELT(MSE)PPAEAEALR(MSE)AYEEAEVILEYGSGGSTVVAAELPGKHVTSVESDRAWA
R(MSE)(MSE)KAWLAANPPAEGTEVNIVWTDIGPTGDWGHPVSDAKWRSYPDYPLAVWRTEGFRHPDVVLVDGRFRVGC
ALATAFSITRPVTLLFDDYSQRRWQHQVEEFLGAPL(MSE)IGRLAAFQVEPQPIPPGSL(MSE)QLIRT(MSE)TSP
;
_entity_poly.pdbx_strand_id   A,B,C,D
#
# COMPACT_ATOMS: atom_id res chain seq x y z
N GLN A 9 -39.16 9.94 27.29
CA GLN A 9 -38.74 8.55 27.60
C GLN A 9 -37.76 8.10 26.53
N ARG A 11 -34.79 8.55 26.64
CA ARG A 11 -33.80 8.75 27.67
C ARG A 11 -32.60 7.82 27.48
N PRO A 12 -31.35 8.32 27.66
CA PRO A 12 -30.22 7.38 27.55
C PRO A 12 -30.34 6.36 28.64
N GLU A 13 -30.20 5.11 28.24
CA GLU A 13 -30.36 4.01 29.18
C GLU A 13 -29.02 3.56 29.72
N LEU A 14 -29.06 3.21 31.00
CA LEU A 14 -27.98 2.54 31.70
C LEU A 14 -28.05 1.04 31.43
N THR A 15 -27.11 0.55 30.65
CA THR A 15 -27.13 -0.86 30.22
C THR A 15 -26.38 -1.81 31.15
N PRO A 17 -26.47 -4.41 34.39
CA PRO A 17 -27.44 -5.16 35.16
C PRO A 17 -27.63 -4.52 36.53
N PRO A 18 -28.58 -5.04 37.31
CA PRO A 18 -28.98 -4.43 38.58
C PRO A 18 -27.88 -4.20 39.61
N ALA A 19 -27.13 -5.25 39.92
CA ALA A 19 -26.08 -5.19 40.95
C ALA A 19 -25.08 -4.10 40.59
N GLU A 20 -24.68 -4.17 39.34
CA GLU A 20 -23.69 -3.27 38.77
C GLU A 20 -24.23 -1.83 38.83
N ALA A 21 -25.49 -1.65 38.44
CA ALA A 21 -26.10 -0.32 38.34
C ALA A 21 -26.24 0.29 39.72
N GLU A 22 -26.50 -0.56 40.71
CA GLU A 22 -26.65 -0.10 42.09
C GLU A 22 -25.28 0.35 42.66
N ALA A 23 -24.25 -0.35 42.25
CA ALA A 23 -22.88 -0.01 42.70
C ALA A 23 -22.52 1.37 42.13
N LEU A 24 -22.92 1.60 40.90
CA LEU A 24 -22.62 2.85 40.20
C LEU A 24 -23.36 3.99 40.90
N ARG A 25 -24.63 3.75 41.21
CA ARG A 25 -25.46 4.79 41.82
C ARG A 25 -24.89 5.18 43.16
N ALA A 27 -21.79 4.89 44.19
CA ALA A 27 -20.49 5.54 44.02
C ALA A 27 -20.73 7.00 43.71
N TYR A 28 -21.68 7.22 42.83
CA TYR A 28 -22.01 8.57 42.33
C TYR A 28 -22.66 9.42 43.44
N GLU A 29 -23.41 8.74 44.31
CA GLU A 29 -24.09 9.40 45.42
C GLU A 29 -23.04 9.92 46.37
N GLU A 30 -22.02 9.11 46.55
CA GLU A 30 -20.95 9.38 47.51
C GLU A 30 -19.94 10.43 46.99
N ALA A 31 -19.75 10.49 45.69
CA ALA A 31 -18.82 11.43 45.02
C ALA A 31 -19.38 12.84 44.90
N GLU A 32 -18.49 13.83 44.90
N GLU A 32 -18.50 13.82 44.87
CA GLU A 32 -18.88 15.18 44.48
CA GLU A 32 -18.90 15.17 44.50
C GLU A 32 -18.50 15.42 43.04
C GLU A 32 -18.47 15.49 43.07
N VAL A 33 -17.30 14.98 42.70
CA VAL A 33 -16.73 15.15 41.35
C VAL A 33 -16.65 13.80 40.69
N ILE A 34 -17.25 13.74 39.50
CA ILE A 34 -17.36 12.49 38.73
C ILE A 34 -16.73 12.70 37.37
N LEU A 35 -15.84 11.79 37.01
CA LEU A 35 -15.26 11.79 35.67
C LEU A 35 -15.65 10.49 35.00
N GLU A 36 -16.21 10.59 33.80
CA GLU A 36 -16.55 9.43 33.02
C GLU A 36 -15.81 9.40 31.72
N TYR A 37 -15.41 8.19 31.37
CA TYR A 37 -14.99 7.95 29.99
C TYR A 37 -16.08 7.12 29.33
N GLY A 38 -16.71 7.69 28.31
CA GLY A 38 -17.95 7.14 27.79
C GLY A 38 -19.11 7.93 28.37
N SER A 39 -20.05 8.29 27.52
CA SER A 39 -21.23 9.02 28.01
C SER A 39 -22.47 8.23 27.67
N GLY A 40 -23.50 8.40 28.48
CA GLY A 40 -24.78 7.73 28.27
C GLY A 40 -25.63 7.62 29.52
N GLY A 41 -26.11 6.42 29.75
CA GLY A 41 -27.00 6.19 30.91
C GLY A 41 -26.40 6.62 32.23
N SER A 42 -25.09 6.42 32.35
CA SER A 42 -24.41 6.68 33.63
C SER A 42 -24.44 8.17 33.91
N THR A 43 -24.34 8.91 32.82
CA THR A 43 -24.25 10.35 32.86
C THR A 43 -25.56 10.92 33.34
N VAL A 44 -26.67 10.30 32.91
CA VAL A 44 -28.03 10.69 33.35
C VAL A 44 -28.17 10.40 34.84
N VAL A 45 -27.67 9.26 35.27
CA VAL A 45 -27.64 8.90 36.68
C VAL A 45 -26.95 10.00 37.51
N ALA A 46 -25.87 10.54 36.98
CA ALA A 46 -25.10 11.57 37.69
C ALA A 46 -25.83 12.92 37.68
N ALA A 47 -26.40 13.21 36.52
CA ALA A 47 -27.11 14.47 36.27
C ALA A 47 -28.29 14.67 37.20
N GLU A 48 -28.87 13.56 37.63
CA GLU A 48 -30.13 13.57 38.36
C GLU A 48 -29.89 13.67 39.85
N LEU A 49 -28.62 13.64 40.22
CA LEU A 49 -28.19 13.82 41.61
C LEU A 49 -27.77 15.28 41.83
N PRO A 50 -28.16 15.85 42.97
CA PRO A 50 -27.76 17.23 43.21
C PRO A 50 -26.34 17.39 43.67
N GLY A 51 -25.80 18.55 43.37
CA GLY A 51 -24.50 18.97 43.89
C GLY A 51 -23.30 18.25 43.31
N LYS A 52 -23.43 17.76 42.09
CA LYS A 52 -22.31 17.07 41.40
C LYS A 52 -21.63 17.88 40.31
N HIS A 53 -20.34 17.60 40.12
CA HIS A 53 -19.62 18.13 38.99
C HIS A 53 -19.20 16.95 38.13
N VAL A 54 -19.72 16.93 36.90
CA VAL A 54 -19.62 15.79 36.01
C VAL A 54 -18.97 16.16 34.68
N THR A 55 -18.00 15.34 34.31
CA THR A 55 -17.30 15.46 33.04
C THR A 55 -17.28 14.11 32.39
N SER A 56 -17.71 14.08 31.14
CA SER A 56 -17.81 12.84 30.39
C SER A 56 -17.09 12.99 29.05
N VAL A 57 -16.06 12.18 28.89
CA VAL A 57 -15.23 12.16 27.70
C VAL A 57 -15.89 11.25 26.68
N GLU A 58 -16.04 11.76 25.48
CA GLU A 58 -16.80 11.03 24.47
C GLU A 58 -16.17 11.13 23.07
N SER A 59 -15.97 9.99 22.42
CA SER A 59 -15.32 9.94 21.10
C SER A 59 -16.29 10.10 19.91
N ASP A 60 -17.58 9.81 20.13
CA ASP A 60 -18.61 9.82 19.06
C ASP A 60 -19.25 11.21 19.07
N ARG A 61 -18.88 12.02 18.09
N ARG A 61 -18.89 12.03 18.10
CA ARG A 61 -19.35 13.40 18.04
CA ARG A 61 -19.36 13.41 18.07
C ARG A 61 -20.88 13.49 18.00
C ARG A 61 -20.90 13.50 18.00
N ALA A 62 -21.49 12.63 17.19
CA ALA A 62 -22.96 12.66 16.99
C ALA A 62 -23.70 12.23 18.26
N TRP A 63 -23.11 11.29 18.97
CA TRP A 63 -23.65 10.90 20.27
C TRP A 63 -23.44 11.99 21.31
N ALA A 64 -22.28 12.64 21.31
CA ALA A 64 -22.07 13.76 22.21
C ALA A 64 -23.13 14.84 21.99
N ARG A 65 -23.47 15.08 20.73
CA ARG A 65 -24.44 16.11 20.36
C ARG A 65 -25.83 15.71 20.89
N LYS A 68 -25.90 16.20 24.70
CA LYS A 68 -26.02 17.62 25.01
C LYS A 68 -27.46 18.09 24.84
N ALA A 69 -28.05 17.63 23.75
CA ALA A 69 -29.43 17.96 23.45
C ALA A 69 -30.35 17.41 24.55
N TRP A 70 -30.08 16.19 24.94
CA TRP A 70 -30.86 15.57 26.00
C TRP A 70 -30.81 16.41 27.28
N LEU A 71 -29.62 16.89 27.61
CA LEU A 71 -29.33 17.55 28.89
C LEU A 71 -29.91 18.95 28.88
N ALA A 72 -30.04 19.50 27.68
CA ALA A 72 -30.64 20.84 27.51
C ALA A 72 -32.15 20.74 27.69
N ALA A 73 -32.68 19.61 27.25
CA ALA A 73 -34.13 19.33 27.34
C ALA A 73 -34.50 18.90 28.76
N ASN A 74 -33.50 18.40 29.46
CA ASN A 74 -33.67 17.73 30.77
C ASN A 74 -32.58 18.13 31.73
N PRO A 75 -32.65 19.35 32.24
CA PRO A 75 -31.49 19.91 32.88
C PRO A 75 -31.14 19.16 34.15
N PRO A 76 -29.85 19.18 34.52
CA PRO A 76 -29.38 18.51 35.73
C PRO A 76 -30.04 19.05 36.99
N ALA A 77 -30.05 18.19 38.01
CA ALA A 77 -30.52 18.53 39.35
C ALA A 77 -29.81 19.73 39.92
N GLU A 78 -30.38 20.28 40.96
CA GLU A 78 -29.90 21.55 41.51
C GLU A 78 -28.43 21.42 41.91
N GLY A 79 -27.66 22.40 41.50
CA GLY A 79 -26.25 22.49 41.88
C GLY A 79 -25.33 21.61 41.07
N THR A 80 -25.90 20.88 40.12
CA THR A 80 -25.12 19.95 39.31
C THR A 80 -24.83 20.49 37.92
N GLU A 81 -23.59 20.27 37.49
CA GLU A 81 -23.10 20.74 36.18
C GLU A 81 -22.57 19.51 35.42
N VAL A 82 -22.95 19.38 34.17
CA VAL A 82 -22.53 18.25 33.37
C VAL A 82 -21.88 18.73 32.09
N ASN A 83 -20.62 18.35 31.90
N ASN A 83 -20.62 18.34 31.92
CA ASN A 83 -19.88 18.75 30.70
CA ASN A 83 -19.83 18.71 30.74
C ASN A 83 -19.52 17.54 29.85
C ASN A 83 -19.56 17.49 29.88
N ILE A 84 -20.15 17.48 28.69
CA ILE A 84 -19.90 16.42 27.72
C ILE A 84 -18.78 16.91 26.82
N VAL A 85 -17.68 16.16 26.79
CA VAL A 85 -16.46 16.59 26.08
C VAL A 85 -16.14 15.66 24.92
N TRP A 86 -16.57 16.07 23.73
CA TRP A 86 -16.21 15.38 22.48
C TRP A 86 -14.69 15.50 22.34
N THR A 87 -14.06 14.34 22.28
CA THR A 87 -12.61 14.21 22.15
C THR A 87 -12.31 13.45 20.87
N ASP A 88 -11.76 14.19 19.92
CA ASP A 88 -11.57 13.84 18.51
C ASP A 88 -10.49 12.80 18.34
N ILE A 89 -10.92 11.60 17.98
CA ILE A 89 -9.98 10.51 17.66
C ILE A 89 -10.18 10.01 16.25
N GLY A 90 -10.75 10.92 15.47
CA GLY A 90 -11.11 10.68 14.09
C GLY A 90 -12.53 10.17 13.94
N PRO A 91 -12.95 9.95 12.70
CA PRO A 91 -14.31 9.43 12.52
C PRO A 91 -14.52 8.07 13.16
N THR A 92 -15.73 7.88 13.69
CA THR A 92 -16.02 6.76 14.52
C THR A 92 -17.20 5.97 13.97
N GLY A 93 -17.26 4.71 14.37
CA GLY A 93 -18.38 3.84 14.04
C GLY A 93 -19.02 3.37 15.32
N ASP A 94 -19.20 2.06 15.43
CA ASP A 94 -19.91 1.53 16.59
C ASP A 94 -19.11 1.78 17.84
N TRP A 95 -19.83 2.19 18.87
CA TRP A 95 -19.26 2.25 20.22
C TRP A 95 -18.13 3.25 20.30
N GLY A 96 -18.16 4.19 19.38
CA GLY A 96 -17.27 5.34 19.39
C GLY A 96 -15.87 4.93 19.02
N HIS A 97 -15.82 3.81 18.31
CA HIS A 97 -14.59 3.23 17.82
C HIS A 97 -14.11 3.89 16.51
N PRO A 98 -12.83 4.29 16.43
CA PRO A 98 -12.41 4.93 15.19
C PRO A 98 -12.42 3.92 14.05
N VAL A 99 -12.91 4.37 12.91
CA VAL A 99 -13.07 3.53 11.75
C VAL A 99 -11.72 3.34 11.01
N SER A 100 -10.78 4.23 11.26
CA SER A 100 -9.39 4.04 10.79
C SER A 100 -8.43 4.58 11.80
N ASP A 101 -7.15 4.52 11.47
CA ASP A 101 -6.13 5.09 12.36
C ASP A 101 -5.60 6.44 11.88
N ALA A 102 -6.39 7.13 11.09
CA ALA A 102 -6.00 8.46 10.59
C ALA A 102 -5.48 9.33 11.74
N LYS A 103 -6.18 9.31 12.88
CA LYS A 103 -5.87 10.22 13.99
C LYS A 103 -5.10 9.57 15.08
N TRP A 104 -4.27 8.60 14.73
CA TRP A 104 -3.50 7.86 15.73
C TRP A 104 -2.65 8.77 16.60
N ARG A 105 -2.19 9.89 16.03
CA ARG A 105 -1.31 10.81 16.82
C ARG A 105 -2.11 11.52 17.88
N SER A 106 -3.44 11.46 17.78
CA SER A 106 -4.34 12.09 18.75
C SER A 106 -4.95 11.12 19.75
N TYR A 107 -4.65 9.86 19.63
CA TYR A 107 -5.29 8.87 20.48
C TYR A 107 -5.07 9.10 21.99
N PRO A 108 -3.85 9.49 22.41
CA PRO A 108 -3.59 9.71 23.81
C PRO A 108 -4.43 10.80 24.45
N ASP A 109 -4.97 11.65 23.62
CA ASP A 109 -5.83 12.75 24.12
C ASP A 109 -7.03 12.18 24.83
N TYR A 110 -7.51 11.02 24.39
CA TYR A 110 -8.75 10.44 24.94
C TYR A 110 -8.55 10.08 26.42
N PRO A 111 -7.56 9.22 26.73
CA PRO A 111 -7.33 8.97 28.15
C PRO A 111 -6.80 10.17 28.92
N LEU A 112 -5.94 10.98 28.27
CA LEU A 112 -5.11 11.92 29.02
C LEU A 112 -5.55 13.40 29.08
N ALA A 113 -6.20 13.91 28.05
CA ALA A 113 -6.40 15.36 27.93
C ALA A 113 -7.22 15.95 29.09
N VAL A 114 -8.22 15.20 29.52
CA VAL A 114 -9.15 15.68 30.57
C VAL A 114 -8.42 16.01 31.85
N TRP A 115 -7.31 15.33 32.09
CA TRP A 115 -6.49 15.58 33.30
C TRP A 115 -5.79 16.96 33.28
N ARG A 116 -5.77 17.58 32.10
CA ARG A 116 -5.10 18.88 31.92
C ARG A 116 -6.11 19.97 31.59
N THR A 117 -7.37 19.63 31.70
CA THR A 117 -8.43 20.56 31.27
C THR A 117 -8.40 21.83 32.10
N GLU A 118 -8.66 22.93 31.41
CA GLU A 118 -8.94 24.18 32.11
C GLU A 118 -10.22 23.92 32.86
N GLY A 119 -10.23 24.32 34.12
CA GLY A 119 -11.37 24.12 34.99
C GLY A 119 -11.30 22.77 35.70
N PHE A 120 -10.14 22.14 35.65
CA PHE A 120 -9.93 20.80 36.22
C PHE A 120 -10.35 20.73 37.68
N ARG A 121 -11.17 19.74 37.99
CA ARG A 121 -11.50 19.39 39.37
C ARG A 121 -11.12 17.93 39.60
N HIS A 122 -10.39 17.68 40.66
CA HIS A 122 -9.96 16.32 40.96
C HIS A 122 -11.18 15.43 41.23
N PRO A 123 -11.26 14.30 40.53
CA PRO A 123 -12.41 13.41 40.71
C PRO A 123 -12.34 12.68 42.01
N ASP A 124 -13.53 12.28 42.43
CA ASP A 124 -13.72 11.37 43.55
C ASP A 124 -13.98 9.96 43.05
N VAL A 125 -14.68 9.89 41.92
CA VAL A 125 -14.95 8.63 41.22
C VAL A 125 -14.66 8.78 39.74
N VAL A 126 -14.08 7.73 39.17
CA VAL A 126 -13.86 7.62 37.73
C VAL A 126 -14.54 6.39 37.20
N LEU A 127 -15.30 6.60 36.13
CA LEU A 127 -15.90 5.49 35.42
C LEU A 127 -15.22 5.26 34.07
N VAL A 128 -14.75 4.04 33.89
CA VAL A 128 -14.12 3.60 32.65
C VAL A 128 -15.15 2.79 31.84
N ASP A 129 -15.76 3.43 30.87
CA ASP A 129 -16.83 2.77 30.13
C ASP A 129 -16.88 3.23 28.68
N GLY A 130 -15.72 3.57 28.12
CA GLY A 130 -15.66 4.03 26.73
C GLY A 130 -14.58 3.30 25.96
N ARG A 131 -13.72 4.07 25.32
CA ARG A 131 -12.63 3.51 24.52
C ARG A 131 -11.33 3.57 25.32
N PHE A 132 -10.30 2.96 24.78
CA PHE A 132 -8.99 2.91 25.43
C PHE A 132 -9.10 2.58 26.91
N ARG A 133 -9.88 1.56 27.24
CA ARG A 133 -10.26 1.34 28.67
C ARG A 133 -9.03 1.16 29.58
N VAL A 134 -8.13 0.27 29.18
CA VAL A 134 -6.88 0.10 29.95
C VAL A 134 -6.10 1.41 30.09
N GLY A 135 -6.02 2.16 29.00
CA GLY A 135 -5.31 3.42 28.97
C GLY A 135 -5.90 4.45 29.94
N CYS A 136 -7.22 4.47 30.00
CA CYS A 136 -7.94 5.42 30.85
C CYS A 136 -7.73 5.04 32.33
N ALA A 137 -7.68 3.75 32.58
CA ALA A 137 -7.49 3.29 33.94
C ALA A 137 -6.10 3.68 34.47
N LEU A 138 -5.11 3.44 33.62
CA LEU A 138 -3.71 3.83 33.92
C LEU A 138 -3.50 5.33 33.99
N ALA A 139 -4.14 6.07 33.09
CA ALA A 139 -4.09 7.51 33.11
C ALA A 139 -4.56 8.05 34.46
N THR A 140 -5.59 7.42 35.01
CA THR A 140 -6.15 7.85 36.29
C THR A 140 -5.11 7.56 37.35
N ALA A 141 -4.58 6.34 37.34
CA ALA A 141 -3.64 5.90 38.40
C ALA A 141 -2.46 6.81 38.44
N PHE A 142 -1.99 7.19 37.27
CA PHE A 142 -0.73 7.95 37.23
C PHE A 142 -0.97 9.46 37.40
N SER A 143 -2.22 9.90 37.26
CA SER A 143 -2.53 11.36 37.19
C SER A 143 -3.13 11.94 38.48
N ILE A 144 -3.75 11.08 39.24
CA ILE A 144 -4.42 11.45 40.49
C ILE A 144 -3.36 11.87 41.51
N THR A 145 -3.76 12.74 42.43
CA THR A 145 -2.93 13.19 43.55
C THR A 145 -3.47 12.83 44.91
N ARG A 146 -4.66 12.26 44.92
CA ARG A 146 -5.25 11.62 46.12
C ARG A 146 -6.10 10.40 45.66
N PRO A 147 -6.43 9.48 46.58
CA PRO A 147 -7.14 8.26 46.20
C PRO A 147 -8.49 8.53 45.59
N VAL A 148 -8.82 7.67 44.63
CA VAL A 148 -10.16 7.62 44.02
C VAL A 148 -10.73 6.21 43.94
N THR A 149 -12.04 6.17 43.75
CA THR A 149 -12.71 4.95 43.28
C THR A 149 -12.76 4.98 41.78
N LEU A 150 -12.35 3.86 41.21
CA LEU A 150 -12.46 3.63 39.75
C LEU A 150 -13.35 2.46 39.50
N LEU A 151 -14.36 2.68 38.67
CA LEU A 151 -15.28 1.64 38.25
C LEU A 151 -14.99 1.30 36.79
N PHE A 152 -14.71 0.04 36.54
CA PHE A 152 -14.28 -0.39 35.21
C PHE A 152 -15.36 -1.38 34.74
N ASP A 153 -16.17 -0.94 33.79
CA ASP A 153 -17.24 -1.80 33.29
C ASP A 153 -16.76 -2.84 32.28
N ASP A 154 -17.42 -3.99 32.32
CA ASP A 154 -17.13 -5.10 31.40
C ASP A 154 -15.72 -5.55 31.60
N TYR A 155 -15.30 -5.55 32.85
CA TYR A 155 -13.91 -5.87 33.22
C TYR A 155 -13.50 -7.32 32.92
N SER A 156 -14.41 -8.25 33.11
CA SER A 156 -14.10 -9.65 32.79
C SER A 156 -13.84 -9.81 31.28
N GLN A 157 -14.28 -8.83 30.51
CA GLN A 157 -14.41 -8.98 29.04
C GLN A 157 -13.13 -9.45 28.32
N ARG A 158 -11.99 -8.91 28.74
CA ARG A 158 -10.67 -9.31 28.20
C ARG A 158 -9.67 -9.63 29.28
N ARG A 159 -8.57 -10.22 28.83
CA ARG A 159 -7.47 -10.67 29.69
C ARG A 159 -6.28 -9.74 29.57
N TRP A 160 -6.42 -8.83 28.61
CA TRP A 160 -5.41 -7.80 28.28
C TRP A 160 -5.64 -6.73 29.31
N GLN A 161 -6.79 -6.87 29.95
CA GLN A 161 -7.29 -5.87 30.85
C GLN A 161 -6.62 -6.06 32.21
N HIS A 162 -6.19 -7.27 32.53
CA HIS A 162 -5.90 -7.52 33.93
C HIS A 162 -4.52 -6.98 34.37
N GLN A 163 -3.81 -6.36 33.39
CA GLN A 163 -2.51 -5.59 33.52
C GLN A 163 -2.76 -4.22 34.25
N VAL A 164 -4.05 -3.97 34.39
CA VAL A 164 -4.63 -2.88 35.19
C VAL A 164 -4.25 -3.09 36.67
N GLU A 165 -4.27 -4.33 37.13
CA GLU A 165 -4.21 -4.60 38.56
C GLU A 165 -2.82 -4.27 39.12
N GLU A 166 -1.85 -4.27 38.22
CA GLU A 166 -0.47 -3.95 38.65
C GLU A 166 -0.43 -2.59 39.31
N PHE A 167 -1.24 -1.68 38.76
CA PHE A 167 -1.25 -0.29 39.24
C PHE A 167 -2.50 0.13 40.04
N LEU A 168 -3.62 -0.53 39.79
CA LEU A 168 -4.90 -0.17 40.41
C LEU A 168 -5.20 -1.04 41.63
N GLY A 169 -4.42 -2.11 41.71
CA GLY A 169 -4.61 -3.16 42.69
C GLY A 169 -5.74 -4.13 42.37
N ALA A 170 -6.11 -4.93 43.37
CA ALA A 170 -7.14 -5.98 43.22
C ALA A 170 -8.52 -5.34 43.19
N PRO A 171 -9.38 -5.73 42.23
CA PRO A 171 -10.69 -5.12 42.30
C PRO A 171 -11.67 -5.86 43.14
N LEU A 172 -12.69 -5.13 43.60
CA LEU A 172 -13.90 -5.74 44.13
C LEU A 172 -14.81 -5.95 42.95
N ILE A 174 -18.23 -6.63 41.24
CA ILE A 174 -19.69 -6.55 41.33
C ILE A 174 -20.22 -6.96 39.97
N GLY A 175 -20.56 -8.22 39.86
CA GLY A 175 -20.79 -8.83 38.56
C GLY A 175 -19.61 -8.58 37.66
N ARG A 176 -19.91 -7.95 36.54
CA ARG A 176 -18.93 -7.74 35.48
C ARG A 176 -18.20 -6.42 35.71
N LEU A 177 -18.66 -5.71 36.72
CA LEU A 177 -18.10 -4.38 37.05
C LEU A 177 -17.01 -4.51 38.11
N ALA A 178 -15.87 -3.92 37.83
CA ALA A 178 -14.74 -3.87 38.76
C ALA A 178 -14.67 -2.53 39.45
N ALA A 179 -14.66 -2.57 40.77
CA ALA A 179 -14.46 -1.41 41.61
C ALA A 179 -13.06 -1.47 42.24
N PHE A 180 -12.28 -0.45 41.92
CA PHE A 180 -10.91 -0.28 42.41
C PHE A 180 -10.77 0.90 43.35
N GLN A 181 -9.98 0.69 44.41
CA GLN A 181 -9.56 1.78 45.25
C GLN A 181 -8.15 2.18 44.80
N VAL A 182 -8.06 3.28 44.08
CA VAL A 182 -6.82 3.69 43.40
C VAL A 182 -6.06 4.75 44.18
N GLU A 183 -4.77 4.52 44.34
CA GLU A 183 -3.91 5.44 45.05
C GLU A 183 -2.90 5.99 44.08
N PRO A 184 -2.40 7.19 44.36
CA PRO A 184 -1.51 7.76 43.30
C PRO A 184 -0.25 6.92 43.11
N GLN A 185 0.10 6.67 41.83
CA GLN A 185 1.25 5.83 41.41
C GLN A 185 2.27 6.63 40.58
N PRO A 186 3.58 6.48 40.89
CA PRO A 186 4.61 7.02 39.99
C PRO A 186 4.65 6.18 38.72
N ILE A 187 5.10 6.77 37.63
CA ILE A 187 5.21 6.02 36.37
C ILE A 187 6.58 5.32 36.32
N PRO A 188 6.62 3.96 36.29
CA PRO A 188 7.93 3.29 36.13
C PRO A 188 8.51 3.48 34.72
N PRO A 189 9.76 3.93 34.60
CA PRO A 189 10.25 4.25 33.25
C PRO A 189 10.28 3.04 32.31
N GLY A 190 10.44 1.87 32.89
CA GLY A 190 10.54 0.64 32.11
C GLY A 190 9.20 0.22 31.55
N SER A 191 8.16 0.93 31.99
CA SER A 191 6.75 0.62 31.62
C SER A 191 6.25 1.47 30.50
N LEU A 192 7.14 2.35 30.03
CA LEU A 192 6.71 3.34 29.08
C LEU A 192 6.21 2.75 27.77
N GLN A 194 4.86 -0.13 27.28
CA GLN A 194 3.55 -0.79 27.55
C GLN A 194 2.47 0.24 27.73
N LEU A 195 2.81 1.28 28.47
CA LEU A 195 1.90 2.38 28.76
C LEU A 195 1.45 3.08 27.48
N ILE A 196 2.41 3.35 26.59
CA ILE A 196 2.09 3.99 25.30
C ILE A 196 1.10 3.12 24.48
N ARG A 197 1.34 1.83 24.47
N ARG A 197 1.35 1.82 24.47
CA ARG A 197 0.49 0.92 23.73
CA ARG A 197 0.48 0.91 23.76
C ARG A 197 -0.95 0.94 24.28
C ARG A 197 -0.96 1.07 24.28
N THR A 198 -1.10 1.17 25.60
CA THR A 198 -2.46 1.22 26.22
C THR A 198 -3.18 2.53 25.85
N THR A 200 -2.93 4.11 23.13
CA THR A 200 -3.09 4.17 21.65
C THR A 200 -3.80 2.96 21.09
N SER A 201 -4.45 2.20 21.97
CA SER A 201 -5.26 1.07 21.58
C SER A 201 -6.75 1.31 21.91
N PRO A 202 -7.59 1.65 20.92
CA PRO A 202 -8.98 2.07 21.22
C PRO A 202 -9.86 0.95 21.82
N GLN B 9 37.81 1.38 0.36
CA GLN B 9 37.96 0.70 1.69
C GLN B 9 36.63 0.69 2.42
N ARG B 11 34.92 2.74 4.41
CA ARG B 11 34.85 3.15 5.84
C ARG B 11 33.75 4.18 6.16
N PRO B 12 32.90 3.91 7.18
CA PRO B 12 31.83 4.88 7.52
C PRO B 12 32.42 6.22 7.95
N GLU B 13 31.94 7.30 7.36
CA GLU B 13 32.49 8.63 7.67
C GLU B 13 31.72 9.28 8.81
N LEU B 14 32.45 10.00 9.64
CA LEU B 14 31.86 10.87 10.68
C LEU B 14 31.27 12.15 9.99
N THR B 15 29.95 12.30 9.95
CA THR B 15 29.35 13.42 9.19
C THR B 15 29.29 14.74 9.98
N PRO B 17 31.27 18.19 11.62
CA PRO B 17 32.47 18.96 11.40
C PRO B 17 33.53 18.83 12.51
N PRO B 18 34.73 19.37 12.28
CA PRO B 18 35.90 19.03 13.11
C PRO B 18 35.82 19.27 14.62
N ALA B 19 35.32 20.43 15.04
CA ALA B 19 35.18 20.75 16.45
C ALA B 19 34.19 19.79 17.11
N GLU B 20 33.11 19.50 16.40
CA GLU B 20 32.06 18.62 16.90
C GLU B 20 32.58 17.19 17.01
N ALA B 21 33.28 16.77 15.98
CA ALA B 21 33.93 15.45 15.98
C ALA B 21 34.92 15.29 17.12
N GLU B 22 35.66 16.35 17.41
CA GLU B 22 36.68 16.28 18.48
C GLU B 22 35.98 16.16 19.81
N ALA B 23 34.85 16.82 19.93
CA ALA B 23 34.09 16.83 21.19
C ALA B 23 33.57 15.42 21.44
N LEU B 24 33.09 14.82 20.36
CA LEU B 24 32.58 13.45 20.42
C LEU B 24 33.66 12.48 20.82
N ARG B 25 34.78 12.58 20.12
N ARG B 25 34.79 12.60 20.14
CA ARG B 25 35.98 11.76 20.45
CA ARG B 25 36.00 11.79 20.43
C ARG B 25 36.38 11.84 21.91
C ARG B 25 36.37 11.84 21.91
N ALA B 27 34.47 12.77 24.44
CA ALA B 27 33.44 12.18 25.26
C ALA B 27 33.60 10.66 25.29
N TYR B 28 33.87 10.09 24.11
CA TYR B 28 33.98 8.64 23.94
C TYR B 28 35.21 8.12 24.66
N GLU B 29 36.27 8.91 24.63
CA GLU B 29 37.47 8.57 25.40
C GLU B 29 37.26 8.52 26.88
N GLU B 30 36.45 9.43 27.41
CA GLU B 30 36.17 9.44 28.86
C GLU B 30 35.16 8.37 29.29
N ALA B 31 34.34 7.92 28.35
CA ALA B 31 33.24 6.98 28.60
C ALA B 31 33.77 5.54 28.64
N GLU B 32 33.17 4.66 29.46
CA GLU B 32 33.42 3.26 29.28
C GLU B 32 32.28 2.62 28.51
N VAL B 33 31.08 3.08 28.80
CA VAL B 33 29.90 2.56 28.18
C VAL B 33 29.25 3.66 27.36
N ILE B 34 29.05 3.35 26.09
CA ILE B 34 28.52 4.29 25.10
C ILE B 34 27.24 3.74 24.50
N LEU B 35 26.23 4.60 24.44
CA LEU B 35 24.97 4.31 23.81
C LEU B 35 24.75 5.32 22.72
N GLU B 36 24.53 4.83 21.51
CA GLU B 36 24.21 5.67 20.39
C GLU B 36 22.82 5.32 19.80
N TYR B 37 22.19 6.37 19.32
CA TYR B 37 21.01 6.31 18.48
C TYR B 37 21.45 6.85 17.13
N GLY B 38 21.51 5.92 16.17
CA GLY B 38 22.03 6.16 14.87
C GLY B 38 23.49 5.74 14.83
N SER B 39 23.75 4.80 13.94
CA SER B 39 25.09 4.25 13.71
C SER B 39 25.80 4.82 12.50
N GLY B 40 27.12 4.83 12.60
CA GLY B 40 27.98 5.28 11.48
C GLY B 40 29.39 5.55 11.90
N GLY B 41 29.86 6.68 11.44
CA GLY B 41 31.23 7.13 11.68
C GLY B 41 31.52 7.21 13.15
N SER B 42 30.53 7.63 13.92
CA SER B 42 30.76 7.79 15.36
C SER B 42 31.01 6.45 15.99
N THR B 43 30.33 5.44 15.46
CA THR B 43 30.45 4.09 15.94
C THR B 43 31.87 3.58 15.74
N VAL B 44 32.47 4.05 14.65
CA VAL B 44 33.85 3.62 14.27
C VAL B 44 34.83 4.24 15.25
N VAL B 45 34.53 5.46 15.62
CA VAL B 45 35.38 6.22 16.53
C VAL B 45 35.43 5.45 17.84
N ALA B 46 34.26 4.95 18.25
CA ALA B 46 34.13 4.20 19.50
C ALA B 46 34.83 2.84 19.39
N ALA B 47 34.65 2.20 18.24
CA ALA B 47 35.15 0.84 18.00
C ALA B 47 36.66 0.78 18.12
N GLU B 48 37.28 1.92 17.83
CA GLU B 48 38.74 2.03 17.69
C GLU B 48 39.43 2.34 18.99
N LEU B 49 38.61 2.63 19.99
CA LEU B 49 39.09 2.89 21.33
C LEU B 49 39.01 1.59 22.10
N PRO B 50 40.04 1.31 22.89
CA PRO B 50 39.96 0.08 23.66
C PRO B 50 39.14 0.23 24.92
N GLY B 51 38.64 -0.92 25.35
CA GLY B 51 38.00 -1.06 26.67
C GLY B 51 36.61 -0.45 26.75
N LYS B 52 35.96 -0.31 25.61
CA LYS B 52 34.59 0.26 25.57
C LYS B 52 33.51 -0.80 25.35
N HIS B 53 32.33 -0.46 25.82
CA HIS B 53 31.12 -1.21 25.52
C HIS B 53 30.15 -0.32 24.75
N VAL B 54 29.87 -0.70 23.51
CA VAL B 54 29.14 0.19 22.60
C VAL B 54 27.89 -0.49 22.09
N THR B 55 26.78 0.22 22.25
CA THR B 55 25.50 -0.19 21.65
C THR B 55 24.97 0.91 20.77
N SER B 56 24.57 0.52 19.57
N SER B 56 24.61 0.54 19.54
CA SER B 56 24.13 1.47 18.54
CA SER B 56 24.13 1.51 18.56
C SER B 56 22.79 1.05 17.94
C SER B 56 22.81 1.07 17.95
N VAL B 57 21.78 1.85 18.25
CA VAL B 57 20.40 1.62 17.83
C VAL B 57 20.26 2.21 16.43
N GLU B 58 19.75 1.39 15.54
CA GLU B 58 19.72 1.72 14.11
C GLU B 58 18.40 1.27 13.43
N SER B 59 17.80 2.19 12.74
CA SER B 59 16.51 1.92 12.09
C SER B 59 16.59 1.42 10.67
N ASP B 60 17.70 1.71 10.02
CA ASP B 60 17.90 1.34 8.61
C ASP B 60 18.55 -0.02 8.55
N ARG B 61 17.76 -1.03 8.21
CA ARG B 61 18.21 -2.42 8.23
C ARG B 61 19.40 -2.67 7.34
N ALA B 62 19.41 -2.02 6.19
CA ALA B 62 20.45 -2.27 5.18
C ALA B 62 21.72 -1.58 5.61
N TRP B 63 21.58 -0.44 6.26
CA TRP B 63 22.73 0.27 6.82
C TRP B 63 23.31 -0.51 8.00
N ALA B 64 22.44 -1.05 8.83
CA ALA B 64 22.87 -1.89 9.96
C ALA B 64 23.67 -3.08 9.47
N ARG B 65 23.24 -3.64 8.37
CA ARG B 65 23.91 -4.84 7.78
C ARG B 65 25.32 -4.44 7.31
N LYS B 68 27.60 -3.87 10.30
CA LYS B 68 27.99 -5.15 10.89
C LYS B 68 29.09 -5.81 10.02
N ALA B 69 28.97 -5.60 8.72
CA ALA B 69 29.93 -6.20 7.76
C ALA B 69 31.27 -5.49 7.91
N TRP B 70 31.21 -4.18 8.07
CA TRP B 70 32.40 -3.36 8.24
C TRP B 70 33.13 -3.74 9.54
N LEU B 71 32.38 -3.98 10.62
CA LEU B 71 32.95 -4.32 11.92
C LEU B 71 33.53 -5.74 11.94
N ALA B 72 32.93 -6.61 11.15
CA ALA B 72 33.47 -7.97 10.94
C ALA B 72 34.83 -7.87 10.22
N ALA B 73 34.91 -6.98 9.25
CA ALA B 73 36.12 -6.82 8.43
C ALA B 73 37.20 -6.05 9.21
N ASN B 74 36.73 -5.26 10.17
CA ASN B 74 37.59 -4.32 10.94
C ASN B 74 37.27 -4.36 12.41
N PRO B 75 37.70 -5.44 13.07
CA PRO B 75 37.23 -5.69 14.43
C PRO B 75 37.60 -4.57 15.38
N PRO B 76 36.77 -4.35 16.42
CA PRO B 76 37.10 -3.33 17.42
C PRO B 76 38.38 -3.57 18.17
N ALA B 77 38.86 -2.49 18.75
CA ALA B 77 40.08 -2.45 19.56
C ALA B 77 39.98 -3.39 20.72
N GLU B 78 41.11 -3.58 21.35
CA GLU B 78 41.21 -4.55 22.45
C GLU B 78 40.25 -4.26 23.59
N GLY B 79 39.45 -5.26 23.91
CA GLY B 79 38.55 -5.20 25.05
C GLY B 79 37.28 -4.42 24.76
N THR B 80 37.11 -4.03 23.50
CA THR B 80 35.89 -3.34 23.03
C THR B 80 34.90 -4.27 22.35
N GLU B 81 33.65 -4.05 22.72
CA GLU B 81 32.53 -4.74 22.13
C GLU B 81 31.57 -3.72 21.54
N VAL B 82 31.13 -3.97 20.31
CA VAL B 82 30.20 -3.10 19.61
C VAL B 82 28.98 -3.88 19.14
N ASN B 83 27.81 -3.49 19.62
CA ASN B 83 26.55 -4.12 19.22
C ASN B 83 25.64 -3.20 18.40
N ILE B 84 25.52 -3.50 17.12
CA ILE B 84 24.60 -2.77 16.22
C ILE B 84 23.23 -3.45 16.35
N VAL B 85 22.23 -2.69 16.79
CA VAL B 85 20.91 -3.25 17.06
C VAL B 85 19.91 -2.69 16.08
N TRP B 86 19.60 -3.43 15.04
CA TRP B 86 18.54 -2.97 14.11
C TRP B 86 17.19 -3.02 14.83
N THR B 87 16.51 -1.87 14.81
CA THR B 87 15.28 -1.63 15.53
C THR B 87 14.21 -1.25 14.55
N ASP B 88 13.24 -2.14 14.42
CA ASP B 88 12.28 -2.15 13.29
C ASP B 88 11.20 -1.09 13.54
N ILE B 89 11.21 -0.07 12.69
CA ILE B 89 10.18 1.00 12.66
C ILE B 89 9.51 1.03 11.26
N GLY B 90 9.59 -0.12 10.60
CA GLY B 90 9.08 -0.29 9.26
C GLY B 90 10.10 -0.04 8.16
N PRO B 91 9.68 -0.25 6.89
CA PRO B 91 10.54 0.14 5.79
C PRO B 91 11.01 1.59 5.89
N THR B 92 12.28 1.80 5.54
CA THR B 92 12.89 3.09 5.58
C THR B 92 13.38 3.51 4.19
N GLY B 93 13.48 4.81 4.00
CA GLY B 93 13.78 5.34 2.68
C GLY B 93 15.24 5.67 2.57
N ASP B 94 15.52 6.46 1.55
CA ASP B 94 16.91 6.75 1.11
C ASP B 94 17.79 7.27 2.20
N TRP B 95 17.17 7.94 3.18
CA TRP B 95 17.91 8.70 4.18
C TRP B 95 17.62 8.25 5.60
N GLY B 96 17.01 7.06 5.73
CA GLY B 96 16.81 6.42 7.07
C GLY B 96 15.45 6.68 7.77
N HIS B 97 14.65 7.53 7.13
CA HIS B 97 13.32 7.87 7.68
C HIS B 97 12.33 6.78 7.24
N PRO B 98 11.32 6.46 8.08
CA PRO B 98 10.26 5.50 7.60
C PRO B 98 9.55 5.97 6.35
N VAL B 99 9.32 5.04 5.45
CA VAL B 99 8.62 5.32 4.18
C VAL B 99 7.21 5.88 4.45
N SER B 100 6.60 5.32 5.47
CA SER B 100 5.24 5.70 5.88
C SER B 100 5.11 5.49 7.38
N ASP B 101 3.88 5.67 7.88
CA ASP B 101 3.57 5.46 9.29
C ASP B 101 3.02 4.07 9.53
N ALA B 102 3.32 3.14 8.62
CA ALA B 102 2.80 1.77 8.72
C ALA B 102 3.02 1.16 10.09
N LYS B 103 4.22 1.33 10.62
CA LYS B 103 4.60 0.66 11.89
C LYS B 103 4.60 1.57 13.07
N TRP B 104 3.69 2.56 13.04
CA TRP B 104 3.58 3.54 14.17
C TRP B 104 3.48 2.91 15.59
N ARG B 105 2.85 1.75 15.69
CA ARG B 105 2.69 1.07 17.00
C ARG B 105 4.04 0.64 17.55
N SER B 106 5.05 0.55 16.68
CA SER B 106 6.40 0.13 17.13
C SER B 106 7.36 1.26 17.36
N TYR B 107 6.93 2.47 16.99
CA TYR B 107 7.81 3.62 17.07
C TYR B 107 8.51 3.80 18.42
N PRO B 108 7.79 3.66 19.53
CA PRO B 108 8.45 3.83 20.85
C PRO B 108 9.56 2.85 21.17
N ASP B 109 9.59 1.77 20.44
CA ASP B 109 10.68 0.80 20.54
C ASP B 109 12.04 1.45 20.31
N TYR B 110 12.09 2.37 19.39
CA TYR B 110 13.36 2.98 18.98
C TYR B 110 14.01 3.78 20.10
N PRO B 111 13.30 4.80 20.70
CA PRO B 111 13.93 5.41 21.85
C PRO B 111 14.07 4.53 23.09
N LEU B 112 13.09 3.69 23.31
CA LEU B 112 12.95 3.01 24.61
C LEU B 112 13.47 1.57 24.74
N ALA B 113 13.49 0.74 23.69
CA ALA B 113 13.72 -0.71 23.94
C ALA B 113 15.09 -0.96 24.56
N VAL B 114 16.07 -0.20 24.10
CA VAL B 114 17.48 -0.43 24.49
C VAL B 114 17.70 -0.33 26.00
N TRP B 115 16.85 0.45 26.63
CA TRP B 115 16.90 0.68 28.09
C TRP B 115 16.43 -0.54 28.86
N ARG B 116 15.89 -1.52 28.15
CA ARG B 116 15.49 -2.77 28.82
C ARG B 116 16.25 -3.98 28.26
N THR B 117 17.35 -3.71 27.58
N THR B 117 17.35 -3.72 27.58
CA THR B 117 18.14 -4.77 26.94
CA THR B 117 18.07 -4.83 26.93
C THR B 117 18.63 -5.79 27.96
C THR B 117 18.53 -5.82 27.98
N GLU B 118 18.68 -7.05 27.54
CA GLU B 118 19.28 -8.10 28.38
C GLU B 118 20.76 -7.75 28.59
N GLY B 119 21.22 -7.80 29.83
CA GLY B 119 22.63 -7.44 30.16
C GLY B 119 22.94 -5.95 30.00
N PHE B 120 21.89 -5.17 30.20
CA PHE B 120 22.00 -3.72 30.18
C PHE B 120 23.20 -3.26 30.97
N ARG B 121 23.94 -2.38 30.32
CA ARG B 121 25.03 -1.63 30.94
C ARG B 121 24.72 -0.15 30.95
N HIS B 122 24.82 0.48 32.12
CA HIS B 122 24.43 1.88 32.22
C HIS B 122 25.37 2.75 31.36
N PRO B 123 24.82 3.55 30.44
CA PRO B 123 25.77 4.38 29.69
C PRO B 123 26.44 5.44 30.52
N ASP B 124 27.61 5.86 30.03
CA ASP B 124 28.32 7.02 30.53
C ASP B 124 28.01 8.23 29.66
N VAL B 125 27.91 7.95 28.37
N VAL B 125 27.90 7.94 28.37
CA VAL B 125 27.58 8.95 27.32
CA VAL B 125 27.56 8.93 27.34
C VAL B 125 26.57 8.37 26.34
C VAL B 125 26.47 8.33 26.47
N VAL B 126 25.60 9.20 26.00
CA VAL B 126 24.52 8.88 25.06
C VAL B 126 24.57 9.87 23.92
N LEU B 127 24.70 9.35 22.70
CA LEU B 127 24.69 10.16 21.49
C LEU B 127 23.34 10.00 20.81
N VAL B 128 22.70 11.14 20.58
CA VAL B 128 21.41 11.24 19.93
C VAL B 128 21.71 11.78 18.54
N ASP B 129 21.73 10.86 17.59
CA ASP B 129 22.14 11.16 16.21
C ASP B 129 21.36 10.30 15.21
N GLY B 130 20.11 10.06 15.53
CA GLY B 130 19.28 9.16 14.74
C GLY B 130 17.90 9.69 14.49
N ARG B 131 16.92 8.82 14.64
CA ARG B 131 15.49 9.18 14.52
C ARG B 131 14.92 9.47 15.90
N PHE B 132 13.74 10.05 15.92
CA PHE B 132 13.02 10.33 17.19
C PHE B 132 13.93 11.03 18.21
N ARG B 133 14.67 12.03 17.73
CA ARG B 133 15.80 12.56 18.56
C ARG B 133 15.34 13.08 19.88
N VAL B 134 14.27 13.87 19.89
CA VAL B 134 13.79 14.46 21.18
C VAL B 134 13.30 13.33 22.09
N GLY B 135 12.66 12.36 21.50
CA GLY B 135 12.20 11.15 22.18
C GLY B 135 13.32 10.39 22.83
N CYS B 136 14.43 10.25 22.10
CA CYS B 136 15.59 9.51 22.64
C CYS B 136 16.18 10.28 23.78
N ALA B 137 16.18 11.60 23.68
CA ALA B 137 16.73 12.43 24.74
C ALA B 137 15.90 12.35 26.01
N LEU B 138 14.57 12.31 25.86
CA LEU B 138 13.68 12.25 27.03
C LEU B 138 13.72 10.82 27.59
N ALA B 139 13.86 9.83 26.73
CA ALA B 139 13.93 8.44 27.19
C ALA B 139 15.14 8.27 28.09
N THR B 140 16.23 8.93 27.72
CA THR B 140 17.49 8.85 28.49
C THR B 140 17.27 9.54 29.84
N ALA B 141 16.72 10.75 29.78
CA ALA B 141 16.48 11.52 31.01
C ALA B 141 15.67 10.76 32.07
N PHE B 142 14.66 10.08 31.60
CA PHE B 142 13.73 9.33 32.46
C PHE B 142 14.17 7.92 32.83
N SER B 143 15.16 7.41 32.10
CA SER B 143 15.60 6.02 32.27
C SER B 143 16.88 5.82 33.07
N ILE B 144 17.76 6.80 33.02
CA ILE B 144 19.04 6.78 33.77
C ILE B 144 18.79 6.74 35.26
N THR B 145 19.72 6.10 35.98
CA THR B 145 19.77 6.10 37.43
C THR B 145 20.97 6.83 38.02
N ARG B 146 21.86 7.26 37.14
CA ARG B 146 22.95 8.14 37.58
C ARG B 146 23.18 9.12 36.43
N PRO B 147 23.93 10.18 36.68
CA PRO B 147 24.08 11.19 35.58
C PRO B 147 24.89 10.72 34.41
N VAL B 148 24.52 11.26 33.27
CA VAL B 148 25.22 11.00 32.01
C VAL B 148 25.45 12.31 31.30
N THR B 149 26.36 12.22 30.35
CA THR B 149 26.51 13.18 29.26
C THR B 149 25.69 12.72 28.06
N LEU B 150 24.89 13.63 27.61
CA LEU B 150 24.14 13.46 26.38
C LEU B 150 24.61 14.45 25.35
N LEU B 151 24.92 13.91 24.17
CA LEU B 151 25.33 14.69 23.00
C LEU B 151 24.18 14.60 22.00
N PHE B 152 23.65 15.75 21.64
CA PHE B 152 22.53 15.91 20.72
C PHE B 152 23.02 16.60 19.46
N ASP B 153 23.14 15.77 18.45
CA ASP B 153 23.54 16.22 17.10
C ASP B 153 22.50 17.11 16.45
N ASP B 154 23.02 18.19 15.88
CA ASP B 154 22.22 19.17 15.13
C ASP B 154 21.07 19.75 15.96
N TYR B 155 21.45 20.19 17.14
CA TYR B 155 20.54 20.76 18.09
C TYR B 155 20.46 22.24 17.82
N SER B 156 19.27 22.77 17.96
CA SER B 156 19.05 24.19 17.83
C SER B 156 18.04 24.71 18.85
N GLN B 157 17.85 26.02 18.95
CA GLN B 157 16.71 26.48 19.79
C GLN B 157 15.36 26.62 19.04
N ARG B 158 15.25 25.71 18.08
N ARG B 158 15.21 25.68 18.12
CA ARG B 158 13.96 25.37 17.47
CA ARG B 158 13.93 25.31 17.57
C ARG B 158 13.09 24.80 18.57
C ARG B 158 13.03 24.79 18.68
N ARG B 159 11.82 25.14 18.50
N ARG B 159 11.77 25.18 18.60
CA ARG B 159 10.91 24.96 19.60
CA ARG B 159 10.85 24.94 19.69
C ARG B 159 10.82 23.50 19.94
C ARG B 159 10.83 23.46 19.97
N TRP B 160 10.78 22.68 18.89
CA TRP B 160 10.60 21.21 19.08
C TRP B 160 11.77 20.62 19.85
N GLN B 161 12.93 21.00 19.38
N GLN B 161 12.96 21.01 19.44
CA GLN B 161 14.19 20.58 19.96
CA GLN B 161 14.14 20.51 20.08
C GLN B 161 14.33 21.10 21.38
C GLN B 161 14.28 21.09 21.45
N HIS B 162 13.93 22.34 21.60
CA HIS B 162 14.21 23.04 22.88
C HIS B 162 13.42 22.53 24.07
N GLN B 163 12.38 21.76 23.77
CA GLN B 163 11.48 21.33 24.84
C GLN B 163 12.27 20.38 25.80
N VAL B 164 13.43 19.91 25.35
CA VAL B 164 14.23 18.97 26.16
C VAL B 164 14.83 19.65 27.41
N GLU B 165 15.00 20.97 27.35
CA GLU B 165 15.81 21.69 28.39
C GLU B 165 15.16 21.67 29.77
N GLU B 166 13.86 21.50 29.78
CA GLU B 166 13.15 21.32 31.01
C GLU B 166 13.66 20.09 31.82
N PHE B 167 14.04 19.07 31.06
CA PHE B 167 14.45 17.76 31.59
C PHE B 167 15.96 17.55 31.52
N LEU B 168 16.59 18.16 30.53
CA LEU B 168 18.03 17.94 30.26
C LEU B 168 18.92 19.06 30.74
N GLY B 169 18.29 20.14 31.18
CA GLY B 169 18.99 21.39 31.49
C GLY B 169 19.44 22.12 30.24
N ALA B 170 20.22 23.13 30.48
CA ALA B 170 20.74 23.97 29.39
C ALA B 170 21.94 23.23 28.79
N PRO B 171 22.12 23.31 27.47
CA PRO B 171 23.30 22.66 26.92
C PRO B 171 24.52 23.55 26.84
N LEU B 172 25.68 22.94 26.65
CA LEU B 172 26.85 23.65 26.13
C LEU B 172 26.97 23.29 24.66
N ILE B 174 28.79 23.03 21.02
CA ILE B 174 30.02 22.99 20.24
C ILE B 174 29.57 22.96 18.82
N GLY B 175 29.59 24.10 18.15
CA GLY B 175 28.89 24.23 16.87
C GLY B 175 27.42 23.92 17.05
N ARG B 176 26.94 22.93 16.29
N ARG B 176 26.94 22.94 16.29
CA ARG B 176 25.54 22.53 16.34
CA ARG B 176 25.55 22.52 16.32
C ARG B 176 25.36 21.29 17.19
C ARG B 176 25.37 21.28 17.17
N LEU B 177 26.45 20.89 17.82
CA LEU B 177 26.40 19.73 18.75
C LEU B 177 26.16 20.21 20.19
N ALA B 178 25.07 19.75 20.82
CA ALA B 178 24.71 20.09 22.18
C ALA B 178 25.18 19.06 23.15
N ALA B 179 25.87 19.51 24.17
CA ALA B 179 26.20 18.62 25.29
C ALA B 179 25.40 19.02 26.50
N PHE B 180 24.71 18.04 27.06
CA PHE B 180 23.91 18.17 28.26
C PHE B 180 24.45 17.27 29.33
N GLN B 181 24.34 17.79 30.55
CA GLN B 181 24.58 17.05 31.77
C GLN B 181 23.21 16.69 32.32
N VAL B 182 22.88 15.41 32.13
CA VAL B 182 21.52 14.91 32.36
C VAL B 182 21.51 14.13 33.67
N GLU B 183 20.57 14.49 34.52
CA GLU B 183 20.44 13.91 35.83
C GLU B 183 19.16 13.06 35.96
N PRO B 184 19.23 12.00 36.75
CA PRO B 184 18.01 11.22 36.94
C PRO B 184 16.87 12.00 37.62
N GLN B 185 15.68 11.58 37.26
CA GLN B 185 14.47 12.29 37.64
C GLN B 185 13.21 11.50 37.30
N PRO B 186 12.12 11.80 37.97
CA PRO B 186 10.85 11.13 37.70
C PRO B 186 10.17 11.65 36.48
N ILE B 187 9.24 10.85 35.99
CA ILE B 187 8.44 11.26 34.87
C ILE B 187 7.23 12.05 35.39
N PRO B 188 7.06 13.29 34.92
CA PRO B 188 5.85 14.03 35.38
C PRO B 188 4.58 13.62 34.61
N PRO B 189 3.54 13.27 35.35
CA PRO B 189 2.39 12.67 34.71
C PRO B 189 1.70 13.65 33.77
N GLY B 190 1.84 14.93 34.09
CA GLY B 190 1.23 15.99 33.29
C GLY B 190 1.89 16.12 31.93
N SER B 191 3.02 15.45 31.77
CA SER B 191 3.84 15.55 30.56
C SER B 191 3.66 14.35 29.66
N LEU B 192 2.69 13.50 29.98
CA LEU B 192 2.60 12.23 29.27
C LEU B 192 2.27 12.41 27.81
N GLN B 194 2.84 14.97 25.82
CA GLN B 194 4.09 15.52 25.21
C GLN B 194 5.08 14.41 24.99
N LEU B 195 5.30 13.64 26.05
CA LEU B 195 6.23 12.52 25.98
C LEU B 195 5.91 11.55 24.84
N ILE B 196 4.63 11.17 24.73
CA ILE B 196 4.20 10.19 23.73
C ILE B 196 4.44 10.74 22.36
N ARG B 197 4.20 12.01 22.23
CA ARG B 197 4.37 12.69 20.95
C ARG B 197 5.85 12.57 20.55
N THR B 198 6.73 12.71 21.50
CA THR B 198 8.16 12.69 21.18
C THR B 198 8.63 11.31 20.81
N THR B 200 7.02 9.09 19.22
CA THR B 200 6.32 8.63 18.00
C THR B 200 6.45 9.59 16.81
N SER B 201 7.40 10.51 16.92
CA SER B 201 7.72 11.50 15.84
C SER B 201 9.14 11.22 15.28
N PRO B 202 9.26 10.55 14.12
CA PRO B 202 10.58 10.10 13.67
C PRO B 202 11.53 11.22 13.31
N GLN C 9 12.09 -35.31 -54.42
CA GLN C 9 12.73 -33.97 -54.39
C GLN C 9 12.28 -33.23 -53.14
N ARG C 11 9.80 -31.31 -52.46
CA ARG C 11 9.36 -29.91 -52.67
C ARG C 11 8.02 -29.58 -52.02
N PRO C 12 7.96 -28.50 -51.24
CA PRO C 12 6.68 -28.10 -50.66
C PRO C 12 5.69 -27.61 -51.70
N GLU C 13 4.45 -28.06 -51.56
CA GLU C 13 3.40 -27.78 -52.55
C GLU C 13 2.54 -26.59 -52.16
N LEU C 14 2.14 -25.85 -53.19
CA LEU C 14 1.16 -24.76 -53.07
C LEU C 14 -0.22 -25.39 -53.25
N THR C 15 -0.94 -25.50 -52.16
CA THR C 15 -2.19 -26.26 -52.14
C THR C 15 -3.39 -25.41 -52.57
N PRO C 17 -6.06 -23.72 -55.23
CA PRO C 17 -6.59 -23.94 -56.57
C PRO C 17 -5.97 -22.96 -57.57
N PRO C 18 -6.19 -23.19 -58.85
CA PRO C 18 -5.55 -22.42 -59.91
C PRO C 18 -5.69 -20.91 -59.75
N ALA C 19 -6.93 -20.48 -59.58
CA ALA C 19 -7.24 -19.04 -59.59
C ALA C 19 -6.55 -18.36 -58.41
N GLU C 20 -6.66 -19.00 -57.26
CA GLU C 20 -6.07 -18.50 -56.02
C GLU C 20 -4.55 -18.43 -56.20
N ALA C 21 -4.00 -19.47 -56.81
CA ALA C 21 -2.55 -19.61 -56.87
C ALA C 21 -1.98 -18.57 -57.81
N GLU C 22 -2.78 -18.19 -58.82
CA GLU C 22 -2.32 -17.24 -59.84
C GLU C 22 -2.31 -15.86 -59.23
N ALA C 23 -3.26 -15.65 -58.33
CA ALA C 23 -3.43 -14.36 -57.67
C ALA C 23 -2.22 -14.12 -56.78
N LEU C 24 -1.82 -15.19 -56.09
CA LEU C 24 -0.68 -15.14 -55.16
C LEU C 24 0.60 -14.87 -55.97
N ARG C 25 0.72 -15.55 -57.10
CA ARG C 25 1.94 -15.44 -57.89
C ARG C 25 2.11 -13.99 -58.33
N ALA C 27 0.85 -11.32 -57.04
CA ALA C 27 1.00 -10.40 -55.89
C ALA C 27 2.46 -10.42 -55.47
N TYR C 28 3.01 -11.63 -55.47
CA TYR C 28 4.40 -11.84 -55.07
C TYR C 28 5.32 -11.22 -56.12
N GLU C 29 4.88 -11.27 -57.37
CA GLU C 29 5.62 -10.69 -58.48
C GLU C 29 5.72 -9.17 -58.38
N GLU C 30 4.61 -8.54 -57.99
CA GLU C 30 4.54 -7.06 -57.84
C GLU C 30 5.29 -6.58 -56.60
N ALA C 31 5.35 -7.44 -55.60
CA ALA C 31 5.96 -7.09 -54.30
C ALA C 31 7.47 -7.20 -54.30
N GLU C 32 8.10 -6.41 -53.43
CA GLU C 32 9.53 -6.55 -53.21
C GLU C 32 9.79 -7.20 -51.87
N VAL C 33 8.97 -6.85 -50.89
CA VAL C 33 9.05 -7.43 -49.53
C VAL C 33 7.75 -8.17 -49.27
N ILE C 34 7.91 -9.45 -48.95
CA ILE C 34 6.80 -10.37 -48.75
C ILE C 34 6.90 -10.86 -47.32
N LEU C 35 5.79 -10.77 -46.58
CA LEU C 35 5.70 -11.34 -45.24
C LEU C 35 4.66 -12.42 -45.29
N GLU C 36 5.03 -13.58 -44.78
CA GLU C 36 4.09 -14.69 -44.73
C GLU C 36 3.86 -15.13 -43.34
N TYR C 37 2.61 -15.43 -43.05
CA TYR C 37 2.28 -16.20 -41.87
C TYR C 37 1.92 -17.61 -42.34
N GLY C 38 2.80 -18.53 -41.97
CA GLY C 38 2.75 -19.90 -42.39
C GLY C 38 3.73 -20.07 -43.55
N SER C 39 4.51 -21.12 -43.48
CA SER C 39 5.49 -21.41 -44.52
C SER C 39 5.13 -22.65 -45.33
N GLY C 40 5.50 -22.64 -46.60
CA GLY C 40 5.30 -23.82 -47.42
C GLY C 40 5.44 -23.59 -48.90
N GLY C 41 4.46 -24.11 -49.65
CA GLY C 41 4.49 -23.97 -51.09
C GLY C 41 4.53 -22.51 -51.50
N SER C 42 3.84 -21.67 -50.74
CA SER C 42 3.79 -20.25 -51.08
C SER C 42 5.18 -19.64 -51.00
N THR C 43 6.00 -20.17 -50.11
CA THR C 43 7.30 -19.58 -49.78
C THR C 43 8.25 -19.88 -50.90
N VAL C 44 7.97 -21.01 -51.57
CA VAL C 44 8.82 -21.52 -52.63
C VAL C 44 8.56 -20.65 -53.84
N VAL C 45 7.29 -20.25 -53.99
CA VAL C 45 6.88 -19.37 -55.09
C VAL C 45 7.62 -18.04 -54.98
N ALA C 46 7.71 -17.52 -53.76
CA ALA C 46 8.44 -16.28 -53.51
C ALA C 46 9.95 -16.47 -53.75
N ALA C 47 10.45 -17.63 -53.34
CA ALA C 47 11.90 -17.94 -53.37
C ALA C 47 12.41 -18.01 -54.79
N GLU C 48 11.49 -18.39 -55.66
CA GLU C 48 11.82 -18.63 -57.07
C GLU C 48 11.87 -17.34 -57.85
N LEU C 49 11.41 -16.26 -57.22
CA LEU C 49 11.38 -14.94 -57.86
C LEU C 49 12.62 -14.15 -57.41
N PRO C 50 13.27 -13.46 -58.35
CA PRO C 50 14.45 -12.73 -57.92
C PRO C 50 14.16 -11.38 -57.27
N GLY C 51 15.07 -10.95 -56.43
CA GLY C 51 15.07 -9.61 -55.88
C GLY C 51 14.01 -9.43 -54.81
N LYS C 52 13.63 -10.52 -54.17
CA LYS C 52 12.69 -10.45 -53.05
C LYS C 52 13.31 -10.61 -51.67
N HIS C 53 12.64 -9.98 -50.72
CA HIS C 53 12.94 -10.19 -49.31
C HIS C 53 11.72 -10.85 -48.68
N VAL C 54 11.91 -12.09 -48.25
CA VAL C 54 10.84 -12.97 -47.77
C VAL C 54 11.05 -13.40 -46.33
N THR C 55 10.05 -13.15 -45.51
CA THR C 55 10.01 -13.61 -44.12
C THR C 55 8.74 -14.42 -43.91
N SER C 56 8.91 -15.61 -43.35
CA SER C 56 7.82 -16.57 -43.14
C SER C 56 7.80 -17.04 -41.72
N VAL C 57 6.76 -16.62 -41.02
CA VAL C 57 6.52 -17.00 -39.64
C VAL C 57 5.89 -18.38 -39.59
N GLU C 58 6.49 -19.25 -38.79
CA GLU C 58 6.11 -20.64 -38.70
C GLU C 58 6.08 -21.15 -37.25
N SER C 59 5.00 -21.85 -36.89
CA SER C 59 4.80 -22.38 -35.55
C SER C 59 5.34 -23.78 -35.34
N ASP C 60 5.48 -24.53 -36.42
CA ASP C 60 5.92 -25.94 -36.38
C ASP C 60 7.41 -25.99 -36.61
N ARG C 61 8.13 -26.30 -35.53
N ARG C 61 8.13 -26.30 -35.53
CA ARG C 61 9.58 -26.27 -35.51
CA ARG C 61 9.59 -26.26 -35.55
C ARG C 61 10.20 -27.30 -36.47
C ARG C 61 10.20 -27.30 -36.48
N ALA C 62 9.59 -28.47 -36.53
CA ALA C 62 10.13 -29.57 -37.33
C ALA C 62 9.94 -29.22 -38.80
N TRP C 63 8.85 -28.51 -39.07
CA TRP C 63 8.49 -28.11 -40.45
C TRP C 63 9.37 -26.94 -40.88
N ALA C 64 9.56 -26.00 -39.96
CA ALA C 64 10.50 -24.90 -40.18
C ALA C 64 11.90 -25.47 -40.55
N ARG C 65 12.32 -26.49 -39.85
CA ARG C 65 13.67 -27.08 -40.03
C ARG C 65 13.76 -27.72 -41.40
N LYS C 68 13.93 -24.92 -44.02
CA LYS C 68 15.30 -24.38 -44.05
C LYS C 68 16.25 -25.32 -44.80
N ALA C 69 16.03 -26.63 -44.63
CA ALA C 69 16.87 -27.64 -45.28
C ALA C 69 16.63 -27.63 -46.77
N TRP C 70 15.37 -27.44 -47.15
CA TRP C 70 14.99 -27.42 -48.57
C TRP C 70 15.62 -26.21 -49.25
N LEU C 71 15.61 -25.10 -48.53
CA LEU C 71 16.08 -23.81 -49.09
C LEU C 71 17.59 -23.85 -49.22
N ALA C 72 18.21 -24.66 -48.37
CA ALA C 72 19.68 -24.78 -48.39
C ALA C 72 20.06 -25.60 -49.59
N ALA C 73 19.19 -26.54 -49.90
CA ALA C 73 19.48 -27.53 -50.95
C ALA C 73 19.05 -26.95 -52.28
N ASN C 74 18.18 -25.96 -52.19
CA ASN C 74 17.57 -25.28 -53.36
C ASN C 74 17.52 -23.79 -53.17
N PRO C 75 18.65 -23.13 -53.30
CA PRO C 75 18.70 -21.73 -52.89
C PRO C 75 17.78 -20.83 -53.73
N PRO C 76 17.31 -19.75 -53.12
CA PRO C 76 16.50 -18.74 -53.74
C PRO C 76 17.18 -18.09 -54.94
N ALA C 77 16.32 -17.58 -55.81
CA ALA C 77 16.75 -16.82 -56.98
C ALA C 77 17.67 -15.67 -56.63
N GLU C 78 18.23 -15.12 -57.70
CA GLU C 78 19.24 -14.05 -57.61
C GLU C 78 18.64 -12.85 -56.90
N GLY C 79 19.33 -12.42 -55.85
CA GLY C 79 18.97 -11.22 -55.12
C GLY C 79 17.87 -11.40 -54.09
N THR C 80 17.46 -12.64 -53.91
CA THR C 80 16.35 -12.98 -53.00
C THR C 80 16.84 -13.69 -51.77
N GLU C 81 16.31 -13.23 -50.65
CA GLU C 81 16.63 -13.79 -49.33
C GLU C 81 15.34 -14.30 -48.72
N VAL C 82 15.39 -15.48 -48.12
CA VAL C 82 14.23 -16.04 -47.44
C VAL C 82 14.58 -16.41 -46.03
N ASN C 83 13.84 -15.83 -45.08
CA ASN C 83 14.05 -16.12 -43.68
C ASN C 83 12.86 -16.83 -43.08
N ILE C 84 13.07 -18.08 -42.70
CA ILE C 84 12.05 -18.88 -42.06
C ILE C 84 12.22 -18.67 -40.57
N VAL C 85 11.19 -18.09 -39.95
CA VAL C 85 11.22 -17.75 -38.52
C VAL C 85 10.34 -18.66 -37.66
N TRP C 86 10.96 -19.66 -37.03
CA TRP C 86 10.19 -20.48 -36.10
C TRP C 86 9.81 -19.63 -34.90
N THR C 87 8.50 -19.63 -34.61
CA THR C 87 7.95 -18.84 -33.51
C THR C 87 7.25 -19.76 -32.55
N ASP C 88 7.84 -19.84 -31.37
CA ASP C 88 7.51 -20.86 -30.37
C ASP C 88 6.16 -20.58 -29.71
N ILE C 89 5.21 -21.46 -29.95
CA ILE C 89 3.89 -21.38 -29.30
C ILE C 89 3.64 -22.68 -28.59
N GLY C 90 4.75 -23.36 -28.31
CA GLY C 90 4.73 -24.67 -27.63
C GLY C 90 4.73 -25.81 -28.63
N PRO C 91 4.68 -27.06 -28.12
CA PRO C 91 4.59 -28.25 -28.95
C PRO C 91 3.37 -28.17 -29.84
N THR C 92 3.56 -28.55 -31.09
CA THR C 92 2.51 -28.46 -32.08
C THR C 92 2.16 -29.82 -32.71
N GLY C 93 1.00 -29.81 -33.33
CA GLY C 93 0.47 -30.97 -34.00
C GLY C 93 0.13 -30.61 -35.43
N ASP C 94 -1.07 -31.00 -35.81
CA ASP C 94 -1.56 -30.79 -37.18
C ASP C 94 -1.69 -29.32 -37.50
N TRP C 95 -1.12 -28.96 -38.63
CA TRP C 95 -1.27 -27.62 -39.18
C TRP C 95 -0.63 -26.56 -38.29
N GLY C 96 0.29 -27.00 -37.46
CA GLY C 96 1.12 -26.09 -36.66
C GLY C 96 0.31 -25.61 -35.49
N HIS C 97 -0.83 -26.26 -35.27
N HIS C 97 -0.80 -26.29 -35.27
CA HIS C 97 -1.71 -25.97 -34.14
CA HIS C 97 -1.66 -26.06 -34.12
C HIS C 97 -1.10 -26.49 -32.83
C HIS C 97 -0.99 -26.50 -32.82
N PRO C 98 -1.10 -25.67 -31.78
CA PRO C 98 -0.50 -26.16 -30.53
C PRO C 98 -1.28 -27.31 -29.94
N VAL C 99 -0.53 -28.23 -29.35
CA VAL C 99 -1.10 -29.43 -28.76
C VAL C 99 -1.93 -29.15 -27.50
N SER C 100 -1.48 -28.17 -26.73
CA SER C 100 -2.26 -27.65 -25.60
C SER C 100 -2.04 -26.18 -25.47
N ASP C 101 -2.51 -25.61 -24.39
N ASP C 101 -2.60 -25.62 -24.41
CA ASP C 101 -2.40 -24.17 -24.24
CA ASP C 101 -2.51 -24.18 -24.19
C ASP C 101 -1.34 -23.84 -23.26
C ASP C 101 -1.38 -23.85 -23.23
N ALA C 102 -0.49 -24.82 -23.07
CA ALA C 102 0.65 -24.69 -22.19
C ALA C 102 1.38 -23.36 -22.36
N LYS C 103 1.60 -22.94 -23.61
CA LYS C 103 2.43 -21.76 -23.86
C LYS C 103 1.60 -20.55 -24.31
N TRP C 104 0.35 -20.50 -23.83
CA TRP C 104 -0.61 -19.39 -24.21
C TRP C 104 -0.02 -17.99 -24.05
N ARG C 105 0.88 -17.83 -23.09
CA ARG C 105 1.52 -16.52 -22.84
C ARG C 105 2.39 -16.03 -24.00
N SER C 106 2.81 -16.98 -24.83
CA SER C 106 3.67 -16.70 -25.99
C SER C 106 2.86 -16.54 -27.27
N TYR C 107 1.58 -16.84 -27.19
CA TYR C 107 0.77 -16.85 -28.39
C TYR C 107 0.85 -15.53 -29.21
N PRO C 108 0.80 -14.33 -28.55
CA PRO C 108 0.79 -13.08 -29.34
C PRO C 108 2.09 -12.84 -30.10
N ASP C 109 3.12 -13.60 -29.77
CA ASP C 109 4.38 -13.51 -30.50
C ASP C 109 4.17 -13.89 -31.99
N TYR C 110 3.24 -14.81 -32.23
CA TYR C 110 3.08 -15.35 -33.57
C TYR C 110 2.58 -14.23 -34.50
N PRO C 111 1.46 -13.56 -34.13
CA PRO C 111 1.10 -12.46 -35.05
C PRO C 111 1.98 -11.23 -34.98
N LEU C 112 2.56 -10.96 -33.81
CA LEU C 112 3.17 -9.66 -33.57
C LEU C 112 4.70 -9.56 -33.61
N ALA C 113 5.44 -10.61 -33.29
CA ALA C 113 6.87 -10.39 -32.99
C ALA C 113 7.61 -9.92 -34.23
N VAL C 114 7.17 -10.39 -35.40
CA VAL C 114 7.85 -10.15 -36.68
C VAL C 114 7.87 -8.65 -37.03
N TRP C 115 6.94 -7.92 -36.46
CA TRP C 115 6.79 -6.50 -36.79
C TRP C 115 7.84 -5.72 -36.00
N ARG C 116 8.51 -6.41 -35.11
CA ARG C 116 9.54 -5.80 -34.26
C ARG C 116 10.90 -6.40 -34.54
N THR C 117 10.96 -7.19 -35.59
CA THR C 117 12.19 -7.88 -35.93
C THR C 117 13.33 -6.88 -36.24
N GLU C 118 14.51 -7.19 -35.69
CA GLU C 118 15.76 -6.52 -36.05
C GLU C 118 15.96 -6.62 -37.56
N GLY C 119 16.16 -5.49 -38.20
CA GLY C 119 16.33 -5.46 -39.65
C GLY C 119 15.00 -5.68 -40.33
N PHE C 120 13.95 -5.27 -39.62
CA PHE C 120 12.58 -5.18 -40.16
C PHE C 120 12.55 -4.46 -41.49
N ARG C 121 11.76 -4.98 -42.40
CA ARG C 121 11.53 -4.31 -43.68
C ARG C 121 10.04 -4.28 -43.99
N HIS C 122 9.54 -3.11 -44.30
CA HIS C 122 8.09 -2.97 -44.40
C HIS C 122 7.58 -3.85 -45.52
N PRO C 123 6.58 -4.69 -45.23
CA PRO C 123 6.13 -5.50 -46.38
C PRO C 123 5.32 -4.75 -47.41
N ASP C 124 5.29 -5.30 -48.62
CA ASP C 124 4.46 -4.78 -49.70
C ASP C 124 3.22 -5.63 -49.78
N VAL C 125 3.42 -6.90 -49.46
CA VAL C 125 2.35 -7.88 -49.47
C VAL C 125 2.46 -8.74 -48.24
N VAL C 126 1.30 -9.16 -47.74
CA VAL C 126 1.22 -10.03 -46.51
C VAL C 126 0.26 -11.18 -46.77
N LEU C 127 0.79 -12.40 -46.59
CA LEU C 127 -0.03 -13.59 -46.73
C LEU C 127 -0.34 -14.14 -45.37
N VAL C 128 -1.65 -14.30 -45.13
CA VAL C 128 -2.18 -14.91 -43.93
C VAL C 128 -2.67 -16.31 -44.29
N ASP C 129 -1.82 -17.27 -43.96
CA ASP C 129 -2.02 -18.67 -44.33
C ASP C 129 -1.50 -19.66 -43.26
N GLY C 130 -1.57 -19.24 -42.01
CA GLY C 130 -1.08 -20.06 -40.88
C GLY C 130 -2.07 -20.17 -39.76
N ARG C 131 -1.57 -19.92 -38.56
CA ARG C 131 -2.35 -19.94 -37.34
C ARG C 131 -2.69 -18.50 -36.91
N PHE C 132 -3.57 -18.41 -35.94
CA PHE C 132 -4.06 -17.10 -35.46
C PHE C 132 -4.40 -16.14 -36.62
N ARG C 133 -5.18 -16.58 -37.62
CA ARG C 133 -5.26 -15.83 -38.89
C ARG C 133 -5.86 -14.45 -38.76
N VAL C 134 -6.97 -14.37 -38.06
CA VAL C 134 -7.60 -13.06 -37.79
C VAL C 134 -6.65 -12.14 -37.05
N GLY C 135 -5.89 -12.70 -36.12
CA GLY C 135 -4.95 -11.91 -35.32
C GLY C 135 -3.82 -11.36 -36.17
N CYS C 136 -3.37 -12.17 -37.12
CA CYS C 136 -2.29 -11.77 -38.00
C CYS C 136 -2.74 -10.65 -38.90
N ALA C 137 -4.00 -10.77 -39.35
CA ALA C 137 -4.62 -9.75 -40.21
C ALA C 137 -4.73 -8.42 -39.48
N LEU C 138 -5.14 -8.49 -38.23
CA LEU C 138 -5.31 -7.28 -37.40
C LEU C 138 -3.94 -6.72 -36.98
N ALA C 139 -3.01 -7.63 -36.65
CA ALA C 139 -1.65 -7.20 -36.36
C ALA C 139 -1.12 -6.39 -37.54
N THR C 140 -1.40 -6.86 -38.76
CA THR C 140 -0.92 -6.15 -39.95
C THR C 140 -1.56 -4.77 -40.04
N ALA C 141 -2.88 -4.73 -39.91
CA ALA C 141 -3.62 -3.46 -40.09
C ALA C 141 -3.14 -2.39 -39.12
N PHE C 142 -2.79 -2.82 -37.91
CA PHE C 142 -2.46 -1.88 -36.84
C PHE C 142 -0.97 -1.55 -36.80
N SER C 143 -0.19 -2.32 -37.56
CA SER C 143 1.27 -2.20 -37.48
C SER C 143 1.92 -1.52 -38.67
N ILE C 144 1.30 -1.67 -39.82
CA ILE C 144 1.77 -1.01 -41.04
C ILE C 144 1.76 0.52 -40.94
N THR C 145 2.68 1.14 -41.68
CA THR C 145 2.81 2.59 -41.76
C THR C 145 2.60 3.12 -43.16
N ARG C 146 2.45 2.19 -44.09
CA ARG C 146 1.94 2.50 -45.43
C ARG C 146 1.09 1.34 -45.95
N PRO C 147 0.30 1.59 -46.98
CA PRO C 147 -0.62 0.53 -47.36
C PRO C 147 0.05 -0.71 -47.91
N VAL C 148 -0.59 -1.84 -47.64
CA VAL C 148 -0.20 -3.14 -48.18
C VAL C 148 -1.39 -3.88 -48.78
N THR C 149 -1.05 -4.92 -49.55
CA THR C 149 -2.02 -5.92 -49.97
C THR C 149 -1.92 -7.07 -48.98
N LEU C 150 -3.07 -7.50 -48.49
CA LEU C 150 -3.14 -8.67 -47.62
C LEU C 150 -3.99 -9.74 -48.26
N LEU C 151 -3.38 -10.93 -48.30
CA LEU C 151 -3.98 -12.13 -48.85
C LEU C 151 -4.35 -13.07 -47.73
N PHE C 152 -5.62 -13.45 -47.72
CA PHE C 152 -6.19 -14.24 -46.64
C PHE C 152 -6.79 -15.50 -47.26
N ASP C 153 -6.03 -16.58 -47.17
N ASP C 153 -6.02 -16.58 -47.13
CA ASP C 153 -6.45 -17.85 -47.73
CA ASP C 153 -6.37 -17.90 -47.61
C ASP C 153 -7.60 -18.43 -46.93
C ASP C 153 -7.58 -18.47 -46.90
N ASP C 154 -8.50 -19.03 -47.68
CA ASP C 154 -9.65 -19.76 -47.14
C ASP C 154 -10.48 -18.89 -46.24
N TYR C 155 -10.75 -17.70 -46.76
CA TYR C 155 -11.56 -16.71 -46.06
C TYR C 155 -13.02 -16.95 -46.32
N SER C 156 -13.76 -17.13 -45.25
CA SER C 156 -15.23 -17.17 -45.31
C SER C 156 -15.80 -15.98 -44.54
N GLN C 157 -16.96 -15.53 -44.99
CA GLN C 157 -17.66 -14.40 -44.35
C GLN C 157 -18.20 -14.86 -43.00
N ARG C 158 -17.83 -16.09 -42.63
CA ARG C 158 -18.11 -16.63 -41.29
C ARG C 158 -17.90 -15.56 -40.24
N ARG C 159 -18.72 -15.63 -39.22
CA ARG C 159 -18.72 -14.65 -38.13
C ARG C 159 -17.29 -14.27 -37.80
N TRP C 160 -16.52 -15.30 -37.51
CA TRP C 160 -15.21 -15.13 -36.85
C TRP C 160 -14.25 -14.37 -37.75
N GLN C 161 -14.20 -14.78 -39.00
CA GLN C 161 -13.23 -14.23 -39.93
C GLN C 161 -13.69 -12.87 -40.42
N HIS C 162 -15.00 -12.67 -40.43
CA HIS C 162 -15.59 -11.48 -41.06
C HIS C 162 -15.36 -10.23 -40.19
N GLN C 163 -14.93 -10.45 -38.96
CA GLN C 163 -14.68 -9.32 -38.02
C GLN C 163 -13.54 -8.40 -38.53
N VAL C 164 -12.80 -8.94 -39.49
CA VAL C 164 -11.60 -8.25 -40.01
C VAL C 164 -11.98 -7.07 -40.90
N GLU C 165 -13.19 -7.10 -41.42
CA GLU C 165 -13.59 -6.16 -42.52
C GLU C 165 -13.72 -4.72 -42.01
N GLU C 166 -13.86 -4.62 -40.71
CA GLU C 166 -13.99 -3.31 -40.08
C GLU C 166 -12.68 -2.53 -40.21
N PHE C 167 -11.59 -3.28 -40.28
CA PHE C 167 -10.26 -2.68 -40.27
C PHE C 167 -9.53 -2.85 -41.59
N LEU C 168 -9.88 -3.92 -42.31
CA LEU C 168 -9.22 -4.23 -43.59
C LEU C 168 -10.07 -3.81 -44.77
N GLY C 169 -11.33 -3.53 -44.46
CA GLY C 169 -12.36 -3.30 -45.46
C GLY C 169 -12.87 -4.56 -46.11
N ALA C 170 -13.66 -4.35 -47.16
CA ALA C 170 -14.30 -5.44 -47.92
C ALA C 170 -13.28 -6.12 -48.83
N PRO C 171 -13.28 -7.46 -48.88
CA PRO C 171 -12.31 -8.04 -49.78
C PRO C 171 -12.77 -8.20 -51.21
N LEU C 172 -11.78 -8.36 -52.07
CA LEU C 172 -11.96 -8.92 -53.38
C LEU C 172 -11.78 -10.41 -53.21
N ILE C 174 -11.13 -14.05 -54.62
CA ILE C 174 -10.63 -14.82 -55.75
C ILE C 174 -10.78 -16.28 -55.34
N GLY C 175 -11.86 -16.90 -55.79
CA GLY C 175 -12.31 -18.15 -55.20
C GLY C 175 -12.48 -18.01 -53.69
N ARG C 176 -11.71 -18.81 -52.95
CA ARG C 176 -11.79 -18.82 -51.48
C ARG C 176 -10.74 -17.93 -50.86
N LEU C 177 -10.01 -17.24 -51.72
CA LEU C 177 -8.94 -16.32 -51.28
C LEU C 177 -9.40 -14.88 -51.29
N ALA C 178 -9.26 -14.22 -50.13
CA ALA C 178 -9.59 -12.79 -49.96
C ALA C 178 -8.36 -11.90 -50.12
N ALA C 179 -8.48 -10.93 -51.03
CA ALA C 179 -7.48 -9.87 -51.20
C ALA C 179 -8.01 -8.55 -50.63
N PHE C 180 -7.26 -8.00 -49.68
CA PHE C 180 -7.57 -6.70 -49.09
C PHE C 180 -6.51 -5.69 -49.39
N GLN C 181 -6.96 -4.44 -49.59
CA GLN C 181 -6.07 -3.29 -49.63
C GLN C 181 -6.14 -2.60 -48.28
N VAL C 182 -5.09 -2.80 -47.52
CA VAL C 182 -5.11 -2.44 -46.10
C VAL C 182 -4.38 -1.11 -45.92
N GLU C 183 -5.04 -0.18 -45.24
CA GLU C 183 -4.51 1.16 -44.97
C GLU C 183 -4.12 1.26 -43.49
N PRO C 184 -3.04 2.00 -43.17
CA PRO C 184 -2.70 2.12 -41.76
C PRO C 184 -3.81 2.74 -40.98
N GLN C 185 -3.86 2.37 -39.72
CA GLN C 185 -4.84 2.95 -38.86
C GLN C 185 -4.59 2.70 -37.40
N PRO C 186 -5.23 3.51 -36.57
CA PRO C 186 -5.04 3.44 -35.14
C PRO C 186 -5.80 2.31 -34.51
N ILE C 187 -5.35 1.93 -33.33
CA ILE C 187 -5.96 0.84 -32.57
C ILE C 187 -7.07 1.47 -31.70
N PRO C 188 -8.33 1.06 -31.88
CA PRO C 188 -9.38 1.58 -31.00
C PRO C 188 -9.36 0.94 -29.61
N PRO C 189 -9.38 1.78 -28.56
CA PRO C 189 -9.18 1.14 -27.28
C PRO C 189 -10.36 0.30 -26.86
N GLY C 190 -11.50 0.62 -27.43
CA GLY C 190 -12.74 -0.09 -27.12
C GLY C 190 -12.74 -1.54 -27.61
N SER C 191 -11.77 -1.81 -28.48
CA SER C 191 -11.66 -3.10 -29.15
C SER C 191 -10.56 -3.98 -28.63
N LEU C 192 -10.00 -3.58 -27.49
CA LEU C 192 -8.81 -4.28 -26.98
C LEU C 192 -9.07 -5.73 -26.59
N GLN C 194 -11.24 -7.64 -27.72
N GLN C 194 -11.26 -7.70 -27.76
CA GLN C 194 -11.56 -8.34 -28.95
CA GLN C 194 -11.46 -8.45 -29.03
C GLN C 194 -10.24 -8.64 -29.71
C GLN C 194 -10.13 -8.71 -29.64
N LEU C 195 -9.34 -7.67 -29.69
CA LEU C 195 -8.02 -7.77 -30.32
C LEU C 195 -7.20 -8.87 -29.69
N ILE C 196 -7.17 -8.86 -28.36
CA ILE C 196 -6.42 -9.83 -27.58
C ILE C 196 -6.94 -11.21 -27.82
N ARG C 197 -8.25 -11.33 -27.95
CA ARG C 197 -8.82 -12.64 -28.20
C ARG C 197 -8.28 -13.19 -29.54
N THR C 198 -8.12 -12.32 -30.52
CA THR C 198 -7.74 -12.79 -31.84
C THR C 198 -6.29 -13.17 -31.90
N THR C 200 -4.71 -14.53 -29.63
CA THR C 200 -4.52 -15.70 -28.72
C THR C 200 -5.39 -16.90 -29.05
N SER C 201 -6.02 -16.84 -30.22
CA SER C 201 -6.81 -17.95 -30.75
C SER C 201 -6.12 -18.59 -31.96
N PRO C 202 -5.51 -19.77 -31.77
CA PRO C 202 -4.68 -20.30 -32.87
C PRO C 202 -5.51 -20.68 -34.09
N GLN D 9 -14.57 -8.03 14.04
CA GLN D 9 -15.51 -7.04 13.44
C GLN D 9 -15.81 -7.32 11.97
N ARG D 11 -16.63 -4.99 9.58
CA ARG D 11 -16.31 -3.91 8.65
C ARG D 11 -15.05 -4.23 7.82
N PRO D 12 -15.12 -4.08 6.49
CA PRO D 12 -13.89 -4.33 5.72
C PRO D 12 -12.78 -3.35 6.10
N GLU D 13 -11.59 -3.89 6.28
CA GLU D 13 -10.43 -3.10 6.68
C GLU D 13 -9.67 -2.57 5.49
N LEU D 14 -9.17 -1.37 5.66
CA LEU D 14 -8.27 -0.75 4.70
C LEU D 14 -6.89 -1.17 5.18
N THR D 15 -6.13 -1.80 4.29
N THR D 15 -6.17 -1.88 4.32
CA THR D 15 -4.84 -2.42 4.65
CA THR D 15 -4.82 -2.35 4.68
C THR D 15 -3.66 -1.45 4.61
C THR D 15 -3.83 -1.50 3.86
N PRO D 17 -1.22 1.84 5.25
CA PRO D 17 -0.80 2.67 6.35
C PRO D 17 -1.70 3.91 6.49
N PRO D 18 -1.71 4.51 7.69
CA PRO D 18 -2.60 5.64 7.88
C PRO D 18 -2.41 6.81 6.90
N ALA D 19 -1.16 7.17 6.65
CA ALA D 19 -0.86 8.30 5.75
C ALA D 19 -1.40 8.01 4.35
N GLU D 20 -1.19 6.78 3.90
CA GLU D 20 -1.62 6.37 2.58
C GLU D 20 -3.17 6.35 2.46
N ALA D 21 -3.82 5.83 3.47
CA ALA D 21 -5.29 5.77 3.52
C ALA D 21 -5.89 7.19 3.52
N GLU D 22 -5.20 8.11 4.18
CA GLU D 22 -5.67 9.50 4.26
C GLU D 22 -5.55 10.12 2.90
N ALA D 23 -4.46 9.81 2.19
CA ALA D 23 -4.26 10.27 0.81
C ALA D 23 -5.38 9.75 -0.09
N LEU D 24 -5.70 8.49 0.08
CA LEU D 24 -6.79 7.88 -0.70
C LEU D 24 -8.11 8.60 -0.40
N ARG D 25 -8.39 8.86 0.88
CA ARG D 25 -9.62 9.59 1.23
C ARG D 25 -9.70 10.91 0.51
N ALA D 27 -8.31 11.93 -2.24
CA ALA D 27 -8.53 11.77 -3.69
C ALA D 27 -10.00 11.43 -3.94
N TYR D 28 -10.55 10.59 -3.08
CA TYR D 28 -11.97 10.14 -3.24
C TYR D 28 -12.91 11.33 -2.97
N GLU D 29 -12.55 12.16 -1.98
CA GLU D 29 -13.41 13.33 -1.65
C GLU D 29 -13.51 14.26 -2.86
N GLU D 30 -12.41 14.40 -3.58
CA GLU D 30 -12.37 15.31 -4.74
C GLU D 30 -13.07 14.76 -5.99
N ALA D 31 -13.19 13.43 -6.06
CA ALA D 31 -13.75 12.75 -7.22
C ALA D 31 -15.26 12.70 -7.11
N GLU D 32 -15.94 12.74 -8.25
CA GLU D 32 -17.32 12.36 -8.26
C GLU D 32 -17.51 10.89 -8.63
N VAL D 33 -16.80 10.49 -9.67
CA VAL D 33 -16.84 9.10 -10.16
C VAL D 33 -15.50 8.40 -9.85
N ILE D 34 -15.65 7.28 -9.16
CA ILE D 34 -14.57 6.49 -8.65
C ILE D 34 -14.63 5.05 -9.25
N LEU D 35 -13.52 4.64 -9.84
CA LEU D 35 -13.33 3.29 -10.35
C LEU D 35 -12.26 2.61 -9.53
N GLU D 36 -12.60 1.45 -8.95
CA GLU D 36 -11.62 0.70 -8.24
C GLU D 36 -11.42 -0.66 -8.88
N TYR D 37 -10.17 -1.09 -8.87
CA TYR D 37 -9.81 -2.48 -9.11
C TYR D 37 -9.40 -3.07 -7.79
N GLY D 38 -10.21 -4.01 -7.35
CA GLY D 38 -10.04 -4.53 -6.01
C GLY D 38 -11.02 -3.84 -5.05
N SER D 39 -11.77 -4.62 -4.29
CA SER D 39 -12.78 -4.08 -3.38
C SER D 39 -12.41 -4.41 -1.92
N GLY D 40 -12.80 -3.54 -1.01
CA GLY D 40 -12.58 -3.79 0.41
C GLY D 40 -12.72 -2.53 1.20
N GLY D 41 -11.76 -2.29 2.10
CA GLY D 41 -11.79 -1.08 2.91
C GLY D 41 -11.85 0.21 2.11
N SER D 42 -11.20 0.24 0.96
CA SER D 42 -11.19 1.47 0.13
C SER D 42 -12.58 1.79 -0.37
N THR D 43 -13.33 0.73 -0.60
CA THR D 43 -14.72 0.85 -1.11
C THR D 43 -15.63 1.47 -0.04
N VAL D 44 -15.36 1.12 1.22
CA VAL D 44 -16.14 1.61 2.35
C VAL D 44 -15.86 3.09 2.49
N VAL D 45 -14.57 3.46 2.32
CA VAL D 45 -14.21 4.86 2.38
C VAL D 45 -15.04 5.64 1.36
N ALA D 46 -15.12 5.12 0.14
CA ALA D 46 -15.90 5.78 -0.95
C ALA D 46 -17.39 5.83 -0.61
N ALA D 47 -17.87 4.74 -0.04
CA ALA D 47 -19.28 4.55 0.27
C ALA D 47 -19.79 5.56 1.28
N GLU D 48 -18.88 5.98 2.16
CA GLU D 48 -19.19 6.81 3.29
C GLU D 48 -19.08 8.28 2.95
N LEU D 49 -18.71 8.57 1.71
CA LEU D 49 -18.64 9.94 1.23
C LEU D 49 -19.90 10.20 0.39
N PRO D 50 -20.49 11.39 0.50
CA PRO D 50 -21.72 11.63 -0.28
C PRO D 50 -21.43 12.01 -1.71
N GLY D 51 -22.38 11.71 -2.56
CA GLY D 51 -22.40 12.20 -3.92
C GLY D 51 -21.47 11.47 -4.90
N LYS D 52 -21.08 10.23 -4.58
CA LYS D 52 -20.13 9.46 -5.42
C LYS D 52 -20.81 8.40 -6.28
N HIS D 53 -20.22 8.17 -7.44
CA HIS D 53 -20.60 7.00 -8.24
C HIS D 53 -19.41 6.07 -8.25
N VAL D 54 -19.56 4.91 -7.61
CA VAL D 54 -18.43 3.98 -7.31
C VAL D 54 -18.64 2.64 -7.98
N THR D 55 -17.61 2.18 -8.68
CA THR D 55 -17.62 0.86 -9.31
C THR D 55 -16.37 0.15 -8.90
N SER D 56 -16.53 -1.06 -8.37
N SER D 56 -16.53 -1.07 -8.39
CA SER D 56 -15.40 -1.86 -7.89
CA SER D 56 -15.41 -1.84 -7.88
C SER D 56 -15.33 -3.22 -8.53
C SER D 56 -15.31 -3.22 -8.50
N VAL D 57 -14.25 -3.41 -9.28
CA VAL D 57 -13.92 -4.71 -9.94
C VAL D 57 -13.29 -5.68 -8.96
N GLU D 58 -13.87 -6.86 -8.88
CA GLU D 58 -13.48 -7.87 -7.90
C GLU D 58 -13.39 -9.25 -8.51
N SER D 59 -12.28 -9.91 -8.32
CA SER D 59 -12.11 -11.28 -8.84
C SER D 59 -12.63 -12.40 -7.94
N ASP D 60 -12.78 -12.13 -6.66
CA ASP D 60 -13.14 -13.16 -5.69
C ASP D 60 -14.64 -13.09 -5.51
N ARG D 61 -15.32 -14.10 -6.03
N ARG D 61 -15.33 -14.08 -6.04
CA ARG D 61 -16.79 -14.14 -6.01
CA ARG D 61 -16.81 -14.10 -6.02
C ARG D 61 -17.36 -14.06 -4.60
C ARG D 61 -17.36 -14.05 -4.59
N ALA D 62 -16.76 -14.83 -3.71
CA ALA D 62 -17.29 -14.96 -2.35
C ALA D 62 -17.13 -13.66 -1.59
N TRP D 63 -16.03 -12.96 -1.87
CA TRP D 63 -15.74 -11.68 -1.28
C TRP D 63 -16.66 -10.63 -1.85
N ALA D 64 -16.91 -10.70 -3.13
CA ALA D 64 -17.85 -9.76 -3.82
C ALA D 64 -19.21 -9.87 -3.16
N ARG D 65 -19.57 -11.09 -2.82
CA ARG D 65 -20.88 -11.38 -2.22
C ARG D 65 -20.95 -10.78 -0.83
N LYS D 68 -21.23 -6.95 -1.00
CA LYS D 68 -22.58 -6.55 -1.36
C LYS D 68 -23.52 -6.67 -0.14
N ALA D 69 -23.34 -7.72 0.64
CA ALA D 69 -24.16 -7.92 1.83
C ALA D 69 -23.89 -6.79 2.83
N TRP D 70 -22.61 -6.44 2.97
CA TRP D 70 -22.19 -5.38 3.88
C TRP D 70 -22.82 -4.06 3.46
N LEU D 71 -22.85 -3.83 2.15
CA LEU D 71 -23.34 -2.54 1.63
C LEU D 71 -24.88 -2.47 1.74
N ALA D 72 -25.52 -3.64 1.75
CA ALA D 72 -26.97 -3.72 1.91
C ALA D 72 -27.34 -3.38 3.35
N ALA D 73 -26.49 -3.82 4.29
CA ALA D 73 -26.69 -3.62 5.73
C ALA D 73 -26.26 -2.22 6.15
N ASN D 74 -25.35 -1.66 5.38
CA ASN D 74 -24.72 -0.36 5.70
C ASN D 74 -24.75 0.54 4.46
N PRO D 75 -25.92 1.11 4.18
CA PRO D 75 -26.06 1.77 2.88
C PRO D 75 -25.11 2.96 2.72
N PRO D 76 -24.70 3.21 1.49
CA PRO D 76 -23.82 4.33 1.28
C PRO D 76 -24.45 5.69 1.63
N ALA D 77 -23.59 6.67 1.76
CA ALA D 77 -24.00 8.03 2.11
C ALA D 77 -24.89 8.63 1.08
N GLU D 78 -25.51 9.73 1.47
CA GLU D 78 -26.44 10.43 0.58
C GLU D 78 -25.84 10.67 -0.80
N GLY D 79 -26.58 10.24 -1.80
CA GLY D 79 -26.28 10.53 -3.19
C GLY D 79 -25.25 9.59 -3.78
N THR D 80 -24.79 8.64 -3.00
CA THR D 80 -23.74 7.66 -3.41
C THR D 80 -24.29 6.31 -3.78
N GLU D 81 -23.80 5.81 -4.91
CA GLU D 81 -24.10 4.48 -5.39
C GLU D 81 -22.83 3.67 -5.54
N VAL D 82 -22.86 2.44 -5.05
CA VAL D 82 -21.70 1.54 -5.12
C VAL D 82 -22.06 0.26 -5.85
N ASN D 83 -21.32 -0.04 -6.91
CA ASN D 83 -21.53 -1.24 -7.68
C ASN D 83 -20.33 -2.15 -7.63
N ILE D 84 -20.53 -3.30 -6.98
CA ILE D 84 -19.48 -4.33 -6.87
C ILE D 84 -19.62 -5.26 -8.03
N VAL D 85 -18.58 -5.32 -8.86
CA VAL D 85 -18.64 -6.06 -10.15
C VAL D 85 -17.75 -7.29 -10.11
N TRP D 86 -18.33 -8.44 -9.76
CA TRP D 86 -17.56 -9.69 -9.80
C TRP D 86 -17.23 -9.98 -11.24
N THR D 87 -15.93 -10.13 -11.45
CA THR D 87 -15.38 -10.31 -12.78
C THR D 87 -14.64 -11.62 -12.84
N ASP D 88 -15.21 -12.56 -13.57
CA ASP D 88 -14.80 -13.99 -13.49
C ASP D 88 -13.46 -14.31 -14.19
N ILE D 89 -12.46 -14.67 -13.40
CA ILE D 89 -11.16 -15.10 -13.90
C ILE D 89 -10.83 -16.54 -13.47
N GLY D 90 -11.87 -17.28 -13.13
CA GLY D 90 -11.77 -18.62 -12.61
C GLY D 90 -11.71 -18.67 -11.09
N PRO D 91 -11.67 -19.89 -10.53
CA PRO D 91 -11.51 -20.00 -9.07
C PRO D 91 -10.28 -19.26 -8.58
N THR D 92 -10.47 -18.57 -7.45
CA THR D 92 -9.44 -17.76 -6.85
C THR D 92 -9.05 -18.25 -5.47
N GLY D 93 -7.85 -17.86 -5.08
CA GLY D 93 -7.34 -18.08 -3.73
C GLY D 93 -7.04 -16.76 -3.05
N ASP D 94 -5.87 -16.68 -2.44
CA ASP D 94 -5.47 -15.51 -1.69
C ASP D 94 -5.38 -14.30 -2.58
N TRP D 95 -5.92 -13.22 -2.06
CA TRP D 95 -5.84 -11.90 -2.68
C TRP D 95 -6.51 -11.91 -4.03
N GLY D 96 -7.41 -12.84 -4.23
CA GLY D 96 -8.23 -12.87 -5.43
C GLY D 96 -7.46 -13.36 -6.64
N HIS D 97 -6.32 -13.96 -6.34
N HIS D 97 -6.33 -13.98 -6.34
CA HIS D 97 -5.47 -14.56 -7.38
CA HIS D 97 -5.50 -14.62 -7.35
C HIS D 97 -6.07 -15.87 -7.88
C HIS D 97 -6.11 -15.90 -7.89
N PRO D 98 -6.09 -16.08 -9.22
CA PRO D 98 -6.61 -17.32 -9.77
C PRO D 98 -5.77 -18.48 -9.30
N VAL D 99 -6.46 -19.56 -9.05
CA VAL D 99 -5.82 -20.77 -8.52
C VAL D 99 -4.98 -21.43 -9.62
N SER D 100 -5.47 -21.37 -10.85
CA SER D 100 -4.69 -21.82 -12.02
C SER D 100 -4.92 -20.92 -13.20
N ASP D 101 -4.38 -21.34 -14.33
N ASP D 101 -4.32 -21.27 -14.33
CA ASP D 101 -4.43 -20.55 -15.57
CA ASP D 101 -4.47 -20.42 -15.51
C ASP D 101 -5.63 -20.92 -16.36
C ASP D 101 -5.56 -21.00 -16.39
N ALA D 102 -6.49 -21.70 -15.74
CA ALA D 102 -7.59 -22.32 -16.45
C ALA D 102 -8.40 -21.37 -17.31
N LYS D 103 -8.75 -20.23 -16.73
CA LYS D 103 -9.62 -19.26 -17.42
C LYS D 103 -8.81 -18.08 -17.97
N TRP D 104 -7.61 -18.38 -18.43
CA TRP D 104 -6.71 -17.33 -18.95
C TRP D 104 -7.33 -16.53 -20.09
N ARG D 105 -8.23 -17.16 -20.82
CA ARG D 105 -8.85 -16.47 -21.98
C ARG D 105 -9.71 -15.29 -21.52
N SER D 106 -10.11 -15.34 -20.25
CA SER D 106 -10.94 -14.29 -19.61
C SER D 106 -10.17 -13.20 -18.90
N TYR D 107 -8.86 -13.38 -18.78
CA TYR D 107 -8.06 -12.49 -17.94
C TYR D 107 -8.22 -11.03 -18.37
N PRO D 108 -8.24 -10.76 -19.70
CA PRO D 108 -8.32 -9.33 -20.04
C PRO D 108 -9.59 -8.63 -19.58
N ASP D 109 -10.58 -9.42 -19.22
CA ASP D 109 -11.88 -8.85 -18.82
C ASP D 109 -11.67 -8.04 -17.57
N TYR D 110 -10.75 -8.49 -16.72
CA TYR D 110 -10.54 -7.82 -15.44
C TYR D 110 -10.06 -6.35 -15.60
N PRO D 111 -8.96 -6.12 -16.32
CA PRO D 111 -8.62 -4.73 -16.54
C PRO D 111 -9.56 -3.97 -17.47
N LEU D 112 -10.10 -4.67 -18.46
CA LEU D 112 -10.74 -3.99 -19.58
C LEU D 112 -12.27 -3.86 -19.61
N ALA D 113 -12.98 -4.83 -19.04
CA ALA D 113 -14.42 -4.99 -19.29
C ALA D 113 -15.21 -3.78 -18.77
N VAL D 114 -14.75 -3.23 -17.66
CA VAL D 114 -15.42 -2.13 -16.98
C VAL D 114 -15.48 -0.86 -17.81
N TRP D 115 -14.53 -0.74 -18.74
CA TRP D 115 -14.46 0.45 -19.60
C TRP D 115 -15.56 0.42 -20.67
N ARG D 116 -16.21 -0.72 -20.81
CA ARG D 116 -17.28 -0.95 -21.83
C ARG D 116 -18.63 -1.23 -21.19
N THR D 117 -18.69 -1.09 -19.88
CA THR D 117 -19.90 -1.44 -19.15
C THR D 117 -21.09 -0.57 -19.56
N GLU D 118 -22.27 -1.20 -19.54
CA GLU D 118 -23.54 -0.47 -19.71
C GLU D 118 -23.65 0.40 -18.47
N GLY D 119 -23.96 1.66 -18.73
CA GLY D 119 -24.09 2.64 -17.67
C GLY D 119 -22.73 3.19 -17.28
N PHE D 120 -21.78 3.08 -18.22
CA PHE D 120 -20.44 3.72 -18.08
C PHE D 120 -20.47 5.21 -17.74
N ARG D 121 -19.71 5.53 -16.73
CA ARG D 121 -19.41 6.89 -16.35
C ARG D 121 -17.90 7.09 -16.22
N HIS D 122 -17.40 8.10 -16.91
CA HIS D 122 -15.96 8.33 -16.96
C HIS D 122 -15.45 8.59 -15.54
N PRO D 123 -14.48 7.80 -15.08
CA PRO D 123 -13.94 8.10 -13.76
C PRO D 123 -13.20 9.42 -13.68
N ASP D 124 -13.21 9.97 -12.47
CA ASP D 124 -12.31 11.03 -12.07
C ASP D 124 -11.08 10.48 -11.41
N VAL D 125 -11.26 9.43 -10.62
N VAL D 125 -11.28 9.42 -10.64
CA VAL D 125 -10.13 8.75 -9.98
CA VAL D 125 -10.17 8.73 -9.95
C VAL D 125 -10.24 7.26 -10.18
C VAL D 125 -10.26 7.24 -10.19
N VAL D 126 -9.10 6.66 -10.43
CA VAL D 126 -8.96 5.20 -10.57
C VAL D 126 -7.99 4.65 -9.50
N LEU D 127 -8.46 3.68 -8.75
CA LEU D 127 -7.64 2.98 -7.75
C LEU D 127 -7.22 1.59 -8.28
N VAL D 128 -5.91 1.39 -8.40
CA VAL D 128 -5.35 0.09 -8.79
C VAL D 128 -4.87 -0.59 -7.50
N ASP D 129 -5.65 -1.57 -7.06
CA ASP D 129 -5.45 -2.19 -5.75
C ASP D 129 -5.93 -3.63 -5.77
N GLY D 130 -5.84 -4.28 -6.91
CA GLY D 130 -6.30 -5.66 -7.04
C GLY D 130 -5.29 -6.53 -7.73
N ARG D 131 -5.77 -7.17 -8.78
CA ARG D 131 -4.95 -8.06 -9.62
C ARG D 131 -4.67 -7.36 -10.97
N PHE D 132 -3.80 -7.98 -11.74
CA PHE D 132 -3.37 -7.42 -13.02
C PHE D 132 -3.05 -5.93 -12.91
N ARG D 133 -2.31 -5.55 -11.87
CA ARG D 133 -2.18 -4.11 -11.55
C ARG D 133 -1.60 -3.23 -12.66
N VAL D 134 -0.49 -3.65 -13.28
CA VAL D 134 0.06 -2.86 -14.39
C VAL D 134 -0.93 -2.85 -15.53
N GLY D 135 -1.59 -3.98 -15.73
CA GLY D 135 -2.58 -4.09 -16.77
C GLY D 135 -3.72 -3.09 -16.59
N CYS D 136 -4.17 -2.98 -15.34
CA CYS D 136 -5.26 -2.04 -15.03
C CYS D 136 -4.84 -0.61 -15.24
N ALA D 137 -3.61 -0.31 -14.85
CA ALA D 137 -3.06 1.02 -15.06
C ALA D 137 -3.00 1.39 -16.53
N LEU D 138 -2.56 0.47 -17.35
CA LEU D 138 -2.41 0.74 -18.76
C LEU D 138 -3.78 0.77 -19.44
N ALA D 139 -4.68 -0.08 -19.01
CA ALA D 139 -6.06 -0.06 -19.55
C ALA D 139 -6.66 1.31 -19.34
N THR D 140 -6.39 1.88 -18.18
CA THR D 140 -6.93 3.20 -17.86
C THR D 140 -6.28 4.23 -18.77
N ALA D 141 -4.95 4.19 -18.88
CA ALA D 141 -4.25 5.18 -19.69
C ALA D 141 -4.76 5.19 -21.12
N PHE D 142 -5.10 4.02 -21.63
CA PHE D 142 -5.48 3.96 -23.08
C PHE D 142 -6.96 4.09 -23.34
N SER D 143 -7.73 3.99 -22.28
CA SER D 143 -9.18 4.01 -22.38
C SER D 143 -9.85 5.37 -22.07
N ILE D 144 -9.25 6.12 -21.19
CA ILE D 144 -9.76 7.43 -20.81
C ILE D 144 -9.86 8.37 -22.01
N THR D 145 -10.78 9.33 -21.92
CA THR D 145 -10.92 10.34 -22.95
C THR D 145 -10.72 11.75 -22.39
N ARG D 146 -10.60 11.82 -21.08
CA ARG D 146 -10.13 13.03 -20.40
C ARG D 146 -9.24 12.60 -19.22
N PRO D 147 -8.47 13.53 -18.66
CA PRO D 147 -7.50 13.14 -17.67
C PRO D 147 -8.10 12.64 -16.36
N VAL D 148 -7.37 11.74 -15.74
CA VAL D 148 -7.74 11.22 -14.44
C VAL D 148 -6.58 11.17 -13.47
N THR D 149 -6.91 11.06 -12.19
CA THR D 149 -5.95 10.68 -11.17
C THR D 149 -6.00 9.19 -11.01
N LEU D 150 -4.83 8.58 -11.06
CA LEU D 150 -4.70 7.15 -10.76
C LEU D 150 -3.84 6.95 -9.55
N LEU D 151 -4.39 6.14 -8.65
CA LEU D 151 -3.71 5.73 -7.42
C LEU D 151 -3.35 4.28 -7.55
N PHE D 152 -2.09 4.02 -7.34
CA PHE D 152 -1.50 2.69 -7.48
C PHE D 152 -0.91 2.27 -6.14
N ASP D 153 -1.64 1.38 -5.53
CA ASP D 153 -1.27 0.82 -4.24
C ASP D 153 0.03 0.00 -4.29
N ASP D 154 0.89 0.19 -3.27
CA ASP D 154 2.16 -0.54 -3.12
C ASP D 154 3.00 -0.50 -4.37
N TYR D 155 3.26 0.71 -4.82
CA TYR D 155 3.97 0.93 -6.05
C TYR D 155 5.44 0.93 -5.81
N SER D 156 6.14 0.11 -6.57
CA SER D 156 7.60 0.18 -6.61
C SER D 156 8.07 0.49 -8.03
N GLN D 157 9.03 1.38 -8.17
CA GLN D 157 9.82 1.41 -9.43
C GLN D 157 10.65 0.10 -9.53
N ARG D 158 10.01 -0.99 -9.12
CA ARG D 158 10.38 -2.34 -9.55
C ARG D 158 10.25 -2.32 -11.07
N ARG D 159 11.03 -3.16 -11.74
CA ARG D 159 11.07 -3.19 -13.22
C ARG D 159 9.68 -3.37 -13.80
N TRP D 160 8.94 -4.31 -13.23
CA TRP D 160 7.65 -4.75 -13.81
C TRP D 160 6.67 -3.60 -13.74
N GLN D 161 6.55 -3.10 -12.51
CA GLN D 161 5.68 -1.97 -12.23
C GLN D 161 6.16 -0.64 -12.86
N HIS D 162 7.47 -0.36 -12.89
CA HIS D 162 7.90 0.98 -13.32
C HIS D 162 7.55 1.22 -14.76
N GLN D 163 7.14 0.15 -15.45
CA GLN D 163 6.95 0.21 -16.95
C GLN D 163 5.76 1.13 -17.28
N VAL D 164 5.04 1.47 -16.24
CA VAL D 164 3.83 2.29 -16.37
C VAL D 164 4.17 3.77 -16.63
N GLU D 165 5.35 4.19 -16.21
CA GLU D 165 5.68 5.66 -16.24
C GLU D 165 5.82 6.18 -17.66
N GLU D 166 6.09 5.30 -18.59
CA GLU D 166 6.10 5.73 -20.01
C GLU D 166 4.76 6.33 -20.44
N PHE D 167 3.69 5.76 -19.92
CA PHE D 167 2.33 6.17 -20.29
C PHE D 167 1.63 6.96 -19.22
N LEU D 168 2.04 6.78 -17.98
CA LEU D 168 1.29 7.41 -16.88
C LEU D 168 1.95 8.68 -16.36
N GLY D 169 3.17 8.89 -16.82
CA GLY D 169 4.07 9.89 -16.23
C GLY D 169 4.63 9.52 -14.88
N ALA D 170 5.29 10.50 -14.27
CA ALA D 170 5.92 10.35 -12.94
C ALA D 170 4.89 10.51 -11.84
N PRO D 171 4.90 9.62 -10.84
CA PRO D 171 3.94 9.71 -9.75
C PRO D 171 4.41 10.55 -8.60
N LEU D 172 3.48 11.25 -7.97
CA LEU D 172 3.72 11.78 -6.62
C LEU D 172 3.59 10.62 -5.65
N ILE D 174 3.08 9.11 -1.77
CA ILE D 174 2.78 9.18 -0.35
C ILE D 174 3.09 7.79 0.22
N GLY D 175 4.24 7.65 0.88
CA GLY D 175 4.72 6.32 1.26
C GLY D 175 4.87 5.49 -0.01
N ARG D 176 4.21 4.33 -0.06
CA ARG D 176 4.27 3.49 -1.26
C ARG D 176 3.05 3.64 -2.13
N LEU D 177 2.22 4.62 -1.83
CA LEU D 177 1.06 4.92 -2.69
C LEU D 177 1.45 5.93 -3.74
N ALA D 178 1.30 5.56 -5.01
CA ALA D 178 1.69 6.40 -6.14
C ALA D 178 0.45 7.07 -6.62
N ALA D 179 0.53 8.38 -6.86
CA ALA D 179 -0.59 9.14 -7.46
C ALA D 179 -0.12 9.73 -8.76
N PHE D 180 -0.69 9.24 -9.85
CA PHE D 180 -0.40 9.71 -11.19
C PHE D 180 -1.53 10.59 -11.71
N GLN D 181 -1.20 11.56 -12.56
CA GLN D 181 -2.19 12.28 -13.33
C GLN D 181 -2.00 11.89 -14.76
N VAL D 182 -3.01 11.19 -15.27
CA VAL D 182 -2.94 10.54 -16.56
C VAL D 182 -3.77 11.24 -17.62
N GLU D 183 -3.16 11.39 -18.77
CA GLU D 183 -3.76 12.03 -19.95
C GLU D 183 -4.09 11.01 -21.03
N PRO D 184 -5.15 11.26 -21.82
CA PRO D 184 -5.52 10.31 -22.85
C PRO D 184 -4.40 10.20 -23.85
N GLN D 185 -4.33 9.04 -24.44
CA GLN D 185 -3.29 8.82 -25.42
C GLN D 185 -3.48 7.58 -26.27
N PRO D 186 -2.87 7.60 -27.45
CA PRO D 186 -3.03 6.46 -28.34
C PRO D 186 -2.26 5.25 -27.88
N ILE D 187 -2.70 4.09 -28.35
CA ILE D 187 -1.99 2.82 -28.09
C ILE D 187 -0.89 2.63 -29.12
N PRO D 188 0.38 2.59 -28.69
CA PRO D 188 1.43 2.35 -29.71
C PRO D 188 1.47 0.91 -30.23
N PRO D 189 1.44 0.73 -31.56
CA PRO D 189 1.34 -0.62 -32.09
C PRO D 189 2.50 -1.53 -31.69
N GLY D 190 3.63 -0.90 -31.47
CA GLY D 190 4.85 -1.60 -31.12
C GLY D 190 4.84 -2.12 -29.72
N SER D 191 3.88 -1.64 -28.95
N SER D 191 3.88 -1.64 -28.93
CA SER D 191 3.79 -1.96 -27.52
CA SER D 191 3.75 -1.97 -27.50
C SER D 191 2.72 -3.04 -27.24
C SER D 191 2.74 -3.09 -27.24
N LEU D 192 2.19 -3.63 -28.32
CA LEU D 192 1.07 -4.57 -28.18
C LEU D 192 1.43 -5.85 -27.37
N GLN D 194 3.72 -6.27 -25.19
CA GLN D 194 3.91 -5.83 -23.78
C GLN D 194 2.59 -5.64 -23.08
N LEU D 195 1.73 -4.95 -23.80
CA LEU D 195 0.41 -4.62 -23.36
C LEU D 195 -0.39 -5.87 -23.04
N ILE D 196 -0.33 -6.85 -23.91
CA ILE D 196 -1.10 -8.08 -23.72
C ILE D 196 -0.59 -8.85 -22.52
N ARG D 197 0.72 -8.82 -22.34
CA ARG D 197 1.35 -9.53 -21.23
C ARG D 197 0.84 -8.93 -19.93
N THR D 198 0.67 -7.61 -19.89
CA THR D 198 0.23 -6.96 -18.64
C THR D 198 -1.23 -7.25 -18.32
N THR D 200 -2.77 -9.90 -18.90
CA THR D 200 -2.96 -11.34 -18.70
C THR D 200 -2.07 -11.88 -17.60
N SER D 201 -1.45 -10.96 -16.89
N SER D 201 -1.48 -10.96 -16.87
CA SER D 201 -0.59 -11.29 -15.74
CA SER D 201 -0.61 -11.31 -15.75
C SER D 201 -1.24 -10.91 -14.41
C SER D 201 -1.22 -10.92 -14.40
N PRO D 202 -1.79 -11.89 -13.67
CA PRO D 202 -2.55 -11.54 -12.45
C PRO D 202 -1.70 -10.91 -11.36
#